data_6YQH
#
_entry.id   6YQH
#
_cell.length_a   95.418
_cell.length_b   95.418
_cell.length_c   189.068
_cell.angle_alpha   90.000
_cell.angle_beta   90.000
_cell.angle_gamma   90.000
#
_symmetry.space_group_name_H-M   'P 43 21 2'
#
loop_
_entity.id
_entity.type
_entity.pdbx_description
1 polymer 'Acetyl-CoA carboxylase, biotin carboxylase'
2 non-polymer DI(HYDROXYETHYL)ETHER
3 non-polymer 'TRIETHYLENE GLYCOL'
4 non-polymer (1~{S},2~{S},3~{S},4~{S})-4-(hydroxymethyl)cyclopentane-1,2,3-triol
5 non-polymer '2-(N-MORPHOLINO)-ETHANESULFONIC ACID'
6 non-polymer 'FORMIC ACID'
7 non-polymer 'ZINC ION'
8 water water
#
_entity_poly.entity_id   1
_entity_poly.type   'polypeptide(L)'
_entity_poly.pdbx_seq_one_letter_code
;MKTTSFILALIISISIGKAQTNHQVSYFSLQDVKLLSSPFLQAQQTDLHYILALDPDRLSAPFLREAGLTPKAPSYTNWE
NTGLDGHIGGHYLSALSMMYAATGDTAIYHRLNYMLNELHRAQQAVGTGFIGGTPGSLQLWKEIKAGDIRAGGFSLNGKW
VPLYNIHKTYAGLRDAYLYAHSDLARQMLIDLTDWMIDITSGLSDNQMQDMLRSEHGGLNETFADVAEITGDKKYLKLAR
RFSHKVILDPLIKNEDRLNGMHANTQIPKVIGYKRVAEVSKNDKDWNHAAEWDHAARFFWNTVVNHRSVCIGGNSVREHF
HPSDNFTSMLNDVQGPETCNTYNMLRLTKMLYQNSGDVDNSNKPDPRYVDYYERALYNHILSSQEPDKGGFVYFTPMRPG
HYRVYSQPETSMWCCVGSGLENHTKYGEFIYAHQQDTLYVNLFIPSQLNWKEQGVTLTQETLFPDDEKVTLRIDKAAKKN
LTLMIRIPEWAGNSKGYEITINGKKHLSDIQTGASTYLPIRRKWKKGDMITFHLPMKVSLEQIPDKKDYYAFLYGPIVLA
TSTGTENLDGIYADDSRGGHIAHGRQTPLQEIPMLIGNPDSIRHSLHKLSGSKLAFSYDGNVYPTQKSKSLELIPFFRLH
NSRYAVYFRQASEEQFKTIQEEMATAERKATELANRTVDLIFPGEQQPESDHSIQYEASETGTHKDRHFRRAKGWFSYNL
KIKEEASQLMITVRQEDRNKAVILLNNEKLTVHPTVSKADKDGFIRLCYLLPRKLKVGSCEILFKPDGTEWTSAVYEVRL
LK
;
_entity_poly.pdbx_strand_id   AAA
#
loop_
_chem_comp.id
_chem_comp.type
_chem_comp.name
_chem_comp.formula
FMT non-polymer 'FORMIC ACID' 'C H2 O2'
MES non-polymer '2-(N-MORPHOLINO)-ETHANESULFONIC ACID' 'C6 H13 N O4 S'
PEG non-polymer DI(HYDROXYETHYL)ETHER 'C4 H10 O3'
PGE non-polymer 'TRIETHYLENE GLYCOL' 'C6 H14 O4'
PJ5 non-polymer (1~{S},2~{S},3~{S},4~{S})-4-(hydroxymethyl)cyclopentane-1,2,3-triol 'C6 H12 O4'
ZN non-polymer 'ZINC ION' 'Zn 2'
#
# COMPACT_ATOMS: atom_id res chain seq x y z
N ASN A 22 -7.63 -1.92 33.36
CA ASN A 22 -9.06 -1.59 33.73
C ASN A 22 -9.73 -0.71 32.64
N HIS A 23 -8.94 -0.14 31.72
CA HIS A 23 -9.32 0.91 30.73
C HIS A 23 -8.87 0.51 29.30
N GLN A 24 -8.85 -0.78 28.99
CA GLN A 24 -8.49 -1.23 27.63
C GLN A 24 -9.55 -0.75 26.63
N VAL A 25 -9.06 -0.33 25.49
CA VAL A 25 -9.88 0.03 24.30
C VAL A 25 -9.99 -1.20 23.39
N SER A 26 -11.19 -1.42 22.90
CA SER A 26 -11.53 -2.51 22.00
C SER A 26 -12.14 -1.99 20.71
N TYR A 27 -12.05 -2.82 19.67
CA TYR A 27 -12.75 -2.58 18.41
C TYR A 27 -13.99 -3.47 18.32
N PHE A 28 -14.92 -3.07 17.49
CA PHE A 28 -16.12 -3.85 17.15
C PHE A 28 -15.81 -4.81 16.03
N SER A 29 -16.61 -5.87 16.00
CA SER A 29 -16.55 -6.83 14.89
CA SER A 29 -16.59 -6.85 14.90
C SER A 29 -17.27 -6.24 13.67
N LEU A 30 -16.88 -6.71 12.49
CA LEU A 30 -17.53 -6.24 11.24
C LEU A 30 -19.01 -6.54 11.25
N GLN A 31 -19.42 -7.60 11.94
CA GLN A 31 -20.82 -8.03 12.08
C GLN A 31 -21.63 -6.93 12.79
N ASP A 32 -20.97 -6.12 13.61
CA ASP A 32 -21.66 -5.19 14.54
C ASP A 32 -21.77 -3.77 13.95
N VAL A 33 -21.20 -3.54 12.77
CA VAL A 33 -21.12 -2.18 12.18
C VAL A 33 -21.63 -2.24 10.75
N LYS A 34 -22.87 -1.84 10.51
CA LYS A 34 -23.60 -1.89 9.20
C LYS A 34 -23.30 -0.56 8.51
N LEU A 35 -22.66 -0.55 7.34
CA LEU A 35 -22.53 0.65 6.53
C LEU A 35 -23.89 1.02 5.93
N LEU A 36 -24.22 2.29 6.02
CA LEU A 36 -25.38 2.88 5.35
C LEU A 36 -24.91 3.63 4.10
N SER A 37 -25.84 4.08 3.30
CA SER A 37 -25.49 4.67 1.98
CA SER A 37 -25.54 4.73 2.00
C SER A 37 -24.40 5.75 2.13
N SER A 38 -23.36 5.59 1.34
CA SER A 38 -22.16 6.45 1.32
C SER A 38 -21.18 5.90 0.29
N PRO A 39 -20.09 6.64 0.02
CA PRO A 39 -19.06 6.13 -0.87
C PRO A 39 -18.47 4.81 -0.36
N PHE A 40 -18.44 4.63 0.96
CA PHE A 40 -17.88 3.40 1.54
C PHE A 40 -18.77 2.20 1.25
N LEU A 41 -20.09 2.38 1.35
CA LEU A 41 -20.95 1.23 1.03
C LEU A 41 -20.86 0.90 -0.48
N GLN A 42 -20.80 1.94 -1.32
CA GLN A 42 -20.59 1.73 -2.75
C GLN A 42 -19.32 0.92 -2.97
N ALA A 43 -18.23 1.32 -2.31
CA ALA A 43 -16.95 0.65 -2.49
C ALA A 43 -17.01 -0.80 -2.01
N GLN A 44 -17.68 -1.04 -0.89
CA GLN A 44 -17.88 -2.42 -0.39
C GLN A 44 -18.58 -3.26 -1.46
N GLN A 45 -19.68 -2.75 -1.98
CA GLN A 45 -20.51 -3.51 -2.93
C GLN A 45 -19.74 -3.75 -4.24
N THR A 46 -18.99 -2.75 -4.69
CA THR A 46 -18.20 -2.94 -5.93
C THR A 46 -17.15 -4.04 -5.70
N ASP A 47 -16.48 -4.03 -4.53
CA ASP A 47 -15.48 -5.07 -4.21
C ASP A 47 -16.16 -6.45 -4.10
N LEU A 48 -17.37 -6.52 -3.53
CA LEU A 48 -18.13 -7.78 -3.44
C LEU A 48 -18.22 -8.40 -4.84
N HIS A 49 -18.65 -7.59 -5.80
CA HIS A 49 -18.80 -8.06 -7.20
C HIS A 49 -17.45 -8.57 -7.72
N TYR A 50 -16.36 -7.84 -7.46
CA TYR A 50 -15.01 -8.23 -7.97
C TYR A 50 -14.60 -9.57 -7.33
N ILE A 51 -14.79 -9.68 -6.02
CA ILE A 51 -14.43 -10.92 -5.28
C ILE A 51 -15.18 -12.11 -5.90
N LEU A 52 -16.48 -11.95 -6.16
CA LEU A 52 -17.33 -13.01 -6.68
C LEU A 52 -17.02 -13.36 -8.14
N ALA A 53 -16.31 -12.46 -8.82
CA ALA A 53 -15.94 -12.67 -10.23
C ALA A 53 -14.80 -13.69 -10.31
N LEU A 54 -14.02 -13.83 -9.25
CA LEU A 54 -12.82 -14.70 -9.30
C LEU A 54 -13.26 -16.18 -9.30
N ASP A 55 -12.52 -17.01 -10.02
CA ASP A 55 -12.79 -18.45 -10.09
C ASP A 55 -11.95 -19.16 -9.05
N PRO A 56 -12.57 -19.72 -7.99
CA PRO A 56 -11.78 -20.35 -6.93
C PRO A 56 -10.96 -21.54 -7.45
N ASP A 57 -11.43 -22.22 -8.51
CA ASP A 57 -10.64 -23.36 -9.07
C ASP A 57 -9.32 -22.87 -9.68
N ARG A 58 -9.26 -21.65 -10.21
CA ARG A 58 -8.00 -21.10 -10.76
C ARG A 58 -7.12 -20.69 -9.57
N LEU A 59 -7.72 -20.11 -8.53
CA LEU A 59 -6.91 -19.68 -7.36
C LEU A 59 -6.39 -20.88 -6.58
N SER A 60 -7.14 -21.97 -6.50
CA SER A 60 -6.69 -23.20 -5.76
C SER A 60 -5.69 -24.01 -6.60
N ALA A 61 -5.65 -23.83 -7.94
CA ALA A 61 -4.84 -24.69 -8.83
C ALA A 61 -3.39 -24.79 -8.36
N PRO A 62 -2.69 -23.69 -8.02
CA PRO A 62 -1.31 -23.85 -7.60
C PRO A 62 -1.12 -24.75 -6.39
N PHE A 63 -2.02 -24.63 -5.42
CA PHE A 63 -1.95 -25.42 -4.18
C PHE A 63 -2.12 -26.91 -4.51
N LEU A 64 -3.14 -27.24 -5.32
CA LEU A 64 -3.40 -28.64 -5.65
C LEU A 64 -2.16 -29.18 -6.39
N ARG A 65 -1.63 -28.39 -7.32
CA ARG A 65 -0.44 -28.79 -8.10
C ARG A 65 0.69 -29.15 -7.15
N GLU A 66 1.00 -28.27 -6.21
CA GLU A 66 2.19 -28.49 -5.36
C GLU A 66 1.99 -29.66 -4.41
N ALA A 67 0.74 -30.03 -4.15
CA ALA A 67 0.39 -31.17 -3.28
C ALA A 67 0.40 -32.49 -4.05
N GLY A 68 0.57 -32.45 -5.37
CA GLY A 68 0.55 -33.66 -6.20
C GLY A 68 -0.87 -34.05 -6.61
N LEU A 69 -1.81 -33.13 -6.46
CA LEU A 69 -3.20 -33.36 -6.92
C LEU A 69 -3.38 -32.74 -8.31
N THR A 70 -4.48 -33.06 -8.94
CA THR A 70 -4.81 -32.55 -10.29
C THR A 70 -5.68 -31.32 -10.12
N PRO A 71 -5.22 -30.14 -10.57
CA PRO A 71 -6.08 -28.99 -10.62
C PRO A 71 -7.32 -29.21 -11.47
N LYS A 72 -8.36 -28.48 -11.13
CA LYS A 72 -9.65 -28.50 -11.88
C LYS A 72 -9.68 -27.46 -12.98
N ALA A 73 -8.74 -26.53 -13.00
CA ALA A 73 -8.68 -25.44 -13.98
C ALA A 73 -7.23 -25.00 -14.03
N PRO A 74 -6.82 -24.28 -15.08
CA PRO A 74 -5.53 -23.63 -15.07
C PRO A 74 -5.48 -22.54 -14.01
N SER A 75 -4.30 -22.30 -13.49
CA SER A 75 -4.09 -21.10 -12.67
C SER A 75 -4.41 -19.84 -13.46
N TYR A 76 -4.61 -18.77 -12.73
CA TYR A 76 -4.59 -17.44 -13.40
C TYR A 76 -3.20 -17.23 -13.99
N THR A 77 -3.17 -16.26 -14.89
CA THR A 77 -1.93 -15.81 -15.53
C THR A 77 -1.33 -14.64 -14.75
N ASN A 78 -0.54 -13.78 -15.39
CA ASN A 78 0.10 -12.64 -14.70
C ASN A 78 0.96 -13.23 -13.58
N TRP A 79 0.92 -12.66 -12.38
CA TRP A 79 1.91 -13.08 -11.37
C TRP A 79 1.57 -14.51 -10.90
N GLU A 80 0.34 -14.97 -11.12
CA GLU A 80 -0.09 -16.33 -10.65
C GLU A 80 0.51 -17.45 -11.51
N ASN A 81 1.18 -17.13 -12.61
CA ASN A 81 1.91 -18.20 -13.34
C ASN A 81 3.34 -17.79 -13.70
N THR A 82 3.83 -16.70 -13.15
CA THR A 82 5.24 -16.28 -13.34
C THR A 82 6.02 -16.34 -12.04
N GLY A 83 5.46 -16.97 -11.00
CA GLY A 83 6.23 -17.35 -9.81
C GLY A 83 5.58 -17.06 -8.48
N LEU A 84 4.60 -16.16 -8.43
CA LEU A 84 3.90 -15.80 -7.17
C LEU A 84 2.59 -16.59 -7.03
N ASP A 85 2.47 -17.64 -7.82
CA ASP A 85 1.36 -18.62 -7.83
C ASP A 85 0.96 -18.99 -6.37
N GLY A 86 -0.27 -18.70 -6.00
CA GLY A 86 -0.79 -18.95 -4.65
C GLY A 86 -1.03 -17.70 -3.83
N HIS A 87 -0.43 -16.56 -4.19
CA HIS A 87 -0.50 -15.40 -3.26
C HIS A 87 -1.91 -14.85 -3.29
N ILE A 88 -2.54 -14.81 -4.46
CA ILE A 88 -3.90 -14.22 -4.50
C ILE A 88 -4.85 -15.16 -3.80
N GLY A 89 -4.66 -16.45 -3.92
CA GLY A 89 -5.51 -17.37 -3.16
C GLY A 89 -5.52 -17.10 -1.66
N GLY A 90 -4.38 -16.77 -1.09
CA GLY A 90 -4.29 -16.37 0.32
C GLY A 90 -5.09 -15.13 0.62
N HIS A 91 -4.86 -14.08 -0.12
CA HIS A 91 -5.64 -12.83 0.03
C HIS A 91 -7.13 -13.08 -0.15
N TYR A 92 -7.46 -13.95 -1.09
CA TYR A 92 -8.86 -14.30 -1.40
C TYR A 92 -9.53 -14.90 -0.16
N LEU A 93 -8.83 -15.77 0.58
CA LEU A 93 -9.38 -16.27 1.85
C LEU A 93 -9.65 -15.09 2.78
N SER A 94 -8.68 -14.19 2.95
CA SER A 94 -8.89 -13.09 3.88
C SER A 94 -10.06 -12.22 3.45
N ALA A 95 -10.13 -11.87 2.16
CA ALA A 95 -11.19 -10.96 1.66
C ALA A 95 -12.56 -11.63 1.75
N LEU A 96 -12.66 -12.93 1.39
CA LEU A 96 -13.95 -13.62 1.51
C LEU A 96 -14.40 -13.61 2.99
N SER A 97 -13.46 -13.91 3.89
CA SER A 97 -13.81 -14.03 5.32
C SER A 97 -14.31 -12.68 5.84
N MET A 98 -13.58 -11.59 5.58
CA MET A 98 -13.98 -10.28 6.08
C MET A 98 -15.24 -9.83 5.39
N MET A 99 -15.38 -10.05 4.09
CA MET A 99 -16.63 -9.68 3.41
C MET A 99 -17.81 -10.48 3.98
N TYR A 100 -17.61 -11.73 4.33
CA TYR A 100 -18.68 -12.54 4.91
C TYR A 100 -19.07 -11.95 6.26
N ALA A 101 -18.09 -11.61 7.11
CA ALA A 101 -18.41 -10.97 8.41
C ALA A 101 -19.20 -9.68 8.19
N ALA A 102 -18.82 -8.89 7.20
CA ALA A 102 -19.43 -7.57 6.96
C ALA A 102 -20.86 -7.69 6.39
N THR A 103 -21.14 -8.70 5.60
CA THR A 103 -22.39 -8.75 4.78
C THR A 103 -23.27 -9.99 5.03
N GLY A 104 -22.69 -11.12 5.43
CA GLY A 104 -23.41 -12.41 5.47
C GLY A 104 -23.76 -12.96 4.11
N ASP A 105 -23.11 -12.44 3.07
CA ASP A 105 -23.50 -12.83 1.70
C ASP A 105 -23.33 -14.34 1.49
N THR A 106 -24.39 -14.97 1.02
CA THR A 106 -24.38 -16.45 0.87
C THR A 106 -23.42 -16.85 -0.23
N ALA A 107 -23.37 -16.13 -1.34
CA ALA A 107 -22.41 -16.48 -2.41
C ALA A 107 -20.99 -16.44 -1.91
N ILE A 108 -20.68 -15.44 -1.10
CA ILE A 108 -19.35 -15.35 -0.50
C ILE A 108 -19.09 -16.62 0.34
N TYR A 109 -20.04 -17.03 1.17
CA TYR A 109 -19.84 -18.19 2.04
C TYR A 109 -19.60 -19.45 1.18
N HIS A 110 -20.36 -19.67 0.12
CA HIS A 110 -20.12 -20.84 -0.76
C HIS A 110 -18.66 -20.84 -1.28
N ARG A 111 -18.16 -19.67 -1.68
CA ARG A 111 -16.79 -19.61 -2.20
C ARG A 111 -15.79 -19.91 -1.08
N LEU A 112 -16.01 -19.32 0.09
CA LEU A 112 -15.07 -19.50 1.21
C LEU A 112 -15.05 -20.98 1.62
N ASN A 113 -16.22 -21.60 1.80
CA ASN A 113 -16.28 -23.02 2.18
C ASN A 113 -15.54 -23.87 1.15
N TYR A 114 -15.77 -23.58 -0.12
CA TYR A 114 -15.13 -24.37 -1.19
C TYR A 114 -13.62 -24.15 -1.14
N MET A 115 -13.14 -22.91 -1.08
CA MET A 115 -11.68 -22.68 -1.10
C MET A 115 -11.03 -23.38 0.11
N LEU A 116 -11.63 -23.27 1.33
CA LEU A 116 -11.06 -23.92 2.50
C LEU A 116 -10.99 -25.43 2.31
N ASN A 117 -12.05 -26.03 1.80
CA ASN A 117 -12.07 -27.50 1.62
C ASN A 117 -11.06 -27.94 0.53
N GLU A 118 -10.85 -27.14 -0.52
CA GLU A 118 -9.84 -27.49 -1.55
C GLU A 118 -8.44 -27.41 -0.93
N LEU A 119 -8.17 -26.36 -0.16
CA LEU A 119 -6.85 -26.24 0.43
C LEU A 119 -6.67 -27.32 1.51
N HIS A 120 -7.75 -27.72 2.16
CA HIS A 120 -7.67 -28.80 3.16
C HIS A 120 -7.31 -30.12 2.47
N ARG A 121 -7.89 -30.40 1.29
CA ARG A 121 -7.52 -31.60 0.50
CA ARG A 121 -7.54 -31.63 0.52
C ARG A 121 -6.04 -31.58 0.15
N ALA A 122 -5.57 -30.43 -0.30
CA ALA A 122 -4.12 -30.26 -0.58
C ALA A 122 -3.28 -30.55 0.66
N GLN A 123 -3.69 -30.03 1.81
CA GLN A 123 -2.90 -30.22 3.05
C GLN A 123 -2.89 -31.69 3.43
N GLN A 124 -4.02 -32.38 3.29
CA GLN A 124 -4.09 -33.79 3.71
C GLN A 124 -3.25 -34.65 2.76
N ALA A 125 -3.18 -34.29 1.47
CA ALA A 125 -2.46 -35.11 0.49
C ALA A 125 -0.97 -35.17 0.83
N VAL A 126 -0.41 -34.08 1.32
CA VAL A 126 1.02 -34.02 1.73
C VAL A 126 1.18 -34.53 3.18
N GLY A 127 0.25 -34.16 4.06
CA GLY A 127 0.20 -34.69 5.43
C GLY A 127 1.20 -34.13 6.42
N THR A 128 1.91 -33.06 6.07
CA THR A 128 2.92 -32.45 6.96
C THR A 128 2.47 -31.09 7.54
N GLY A 129 1.42 -30.52 6.95
CA GLY A 129 0.91 -29.20 7.33
C GLY A 129 1.14 -28.22 6.18
N PHE A 130 2.15 -28.46 5.33
CA PHE A 130 2.44 -27.62 4.16
C PHE A 130 1.19 -27.41 3.29
N ILE A 131 0.99 -26.16 2.91
CA ILE A 131 0.02 -25.73 1.86
C ILE A 131 0.75 -24.60 1.13
N GLY A 132 0.80 -24.61 -0.19
CA GLY A 132 1.49 -23.56 -0.91
C GLY A 132 1.42 -23.73 -2.41
N GLY A 133 1.68 -22.63 -3.15
CA GLY A 133 1.57 -22.66 -4.62
C GLY A 133 2.85 -22.37 -5.37
N THR A 134 3.91 -21.95 -4.65
CA THR A 134 5.19 -21.62 -5.30
C THR A 134 5.58 -22.82 -6.16
N PRO A 135 5.98 -22.64 -7.42
CA PRO A 135 6.40 -23.78 -8.23
C PRO A 135 7.59 -24.51 -7.61
N GLY A 136 7.50 -25.84 -7.45
CA GLY A 136 8.59 -26.55 -6.78
C GLY A 136 8.65 -26.31 -5.28
N SER A 137 7.50 -26.18 -4.64
CA SER A 137 7.45 -25.82 -3.20
C SER A 137 8.16 -26.89 -2.37
N LEU A 138 7.80 -28.15 -2.54
CA LEU A 138 8.36 -29.19 -1.61
C LEU A 138 9.90 -29.23 -1.71
N GLN A 139 10.45 -29.10 -2.90
CA GLN A 139 11.90 -29.07 -3.08
C GLN A 139 12.48 -27.84 -2.36
N LEU A 140 11.87 -26.66 -2.52
CA LEU A 140 12.34 -25.43 -1.87
C LEU A 140 12.49 -25.68 -0.38
N TRP A 141 11.40 -26.13 0.24
CA TRP A 141 11.40 -26.18 1.73
C TRP A 141 12.28 -27.33 2.23
N LYS A 142 12.51 -28.33 1.42
CA LYS A 142 13.51 -29.37 1.78
C LYS A 142 14.93 -28.78 1.82
N GLU A 143 15.25 -27.93 0.83
CA GLU A 143 16.53 -27.23 0.82
C GLU A 143 16.64 -26.32 2.03
N ILE A 144 15.61 -25.49 2.29
CA ILE A 144 15.68 -24.57 3.44
C ILE A 144 15.92 -25.38 4.72
N LYS A 145 15.12 -26.39 5.00
CA LYS A 145 15.24 -27.20 6.21
C LYS A 145 16.66 -27.74 6.36
N ALA A 146 17.30 -28.10 5.27
CA ALA A 146 18.69 -28.61 5.28
C ALA A 146 19.74 -27.53 5.46
N GLY A 147 19.33 -26.25 5.48
CA GLY A 147 20.31 -25.15 5.60
C GLY A 147 20.91 -24.69 4.28
N ASP A 148 20.34 -25.13 3.14
CA ASP A 148 20.69 -24.60 1.80
C ASP A 148 19.81 -23.35 1.60
N ILE A 149 20.33 -22.21 1.99
CA ILE A 149 19.61 -20.93 1.98
C ILE A 149 20.34 -19.98 1.04
N ARG A 150 19.69 -19.68 -0.04
CA ARG A 150 20.20 -18.78 -1.10
CA ARG A 150 20.21 -18.75 -1.06
C ARG A 150 19.22 -17.61 -1.22
N ALA A 151 19.36 -16.61 -0.35
CA ALA A 151 18.45 -15.47 -0.24
C ALA A 151 18.97 -14.27 -1.02
N GLY A 152 18.06 -13.64 -1.75
CA GLY A 152 18.19 -12.25 -2.19
C GLY A 152 17.03 -11.43 -1.70
N GLY A 153 17.02 -10.15 -2.03
CA GLY A 153 15.96 -9.29 -1.53
C GLY A 153 14.59 -9.81 -1.92
N PHE A 154 14.42 -10.38 -3.12
CA PHE A 154 13.09 -10.78 -3.63
C PHE A 154 13.08 -12.28 -4.00
N SER A 155 14.07 -13.04 -3.59
CA SER A 155 14.18 -14.42 -4.07
C SER A 155 14.72 -15.31 -2.95
N LEU A 156 14.30 -16.54 -3.00
CA LEU A 156 14.82 -17.57 -2.08
C LEU A 156 14.98 -18.85 -2.90
N ASN A 157 16.21 -19.28 -3.08
CA ASN A 157 16.52 -20.54 -3.79
C ASN A 157 15.81 -20.55 -5.15
N GLY A 158 15.90 -19.47 -5.92
CA GLY A 158 15.33 -19.37 -7.27
C GLY A 158 13.86 -19.06 -7.34
N LYS A 159 13.21 -18.89 -6.19
CA LYS A 159 11.75 -18.64 -6.16
C LYS A 159 11.44 -17.20 -5.75
N TRP A 160 10.34 -16.71 -6.27
CA TRP A 160 9.90 -15.32 -6.07
C TRP A 160 9.18 -15.14 -4.73
N VAL A 161 9.83 -14.43 -3.81
CA VAL A 161 9.35 -14.10 -2.43
C VAL A 161 8.44 -15.20 -1.85
N PRO A 162 8.91 -16.46 -1.74
CA PRO A 162 8.03 -17.50 -1.25
C PRO A 162 7.54 -17.32 0.19
N LEU A 163 8.37 -16.71 1.05
CA LEU A 163 7.88 -16.41 2.42
C LEU A 163 6.72 -15.42 2.42
N TYR A 164 6.78 -14.43 1.55
CA TYR A 164 5.70 -13.46 1.38
C TYR A 164 4.44 -14.17 0.92
N ASN A 165 4.62 -15.10 0.00
CA ASN A 165 3.50 -15.85 -0.58
C ASN A 165 2.80 -16.69 0.51
N ILE A 166 3.58 -17.51 1.23
CA ILE A 166 2.94 -18.39 2.25
C ILE A 166 2.32 -17.52 3.36
N HIS A 167 2.88 -16.36 3.64
CA HIS A 167 2.26 -15.44 4.61
C HIS A 167 0.79 -15.19 4.26
N LYS A 168 0.44 -15.06 2.96
CA LYS A 168 -0.94 -14.72 2.65
C LYS A 168 -1.86 -15.93 2.95
N THR A 169 -1.32 -17.15 2.95
CA THR A 169 -2.12 -18.33 3.40
C THR A 169 -2.27 -18.32 4.91
N TYR A 170 -1.21 -18.11 5.66
CA TYR A 170 -1.32 -17.99 7.13
C TYR A 170 -2.39 -16.95 7.46
N ALA A 171 -2.27 -15.78 6.83
CA ALA A 171 -3.22 -14.67 7.14
C ALA A 171 -4.66 -15.05 6.73
N GLY A 172 -4.81 -15.69 5.57
CA GLY A 172 -6.13 -16.09 5.06
C GLY A 172 -6.82 -17.11 5.96
N LEU A 173 -6.07 -18.07 6.48
CA LEU A 173 -6.63 -19.09 7.38
C LEU A 173 -6.94 -18.44 8.73
N ARG A 174 -6.03 -17.63 9.25
CA ARG A 174 -6.31 -16.81 10.47
C ARG A 174 -7.64 -16.07 10.27
N ASP A 175 -7.81 -15.41 9.14
CA ASP A 175 -9.01 -14.58 8.94
C ASP A 175 -10.26 -15.46 8.84
N ALA A 176 -10.18 -16.61 8.17
CA ALA A 176 -11.34 -17.50 8.10
C ALA A 176 -11.76 -17.91 9.51
N TYR A 177 -10.82 -18.14 10.40
CA TYR A 177 -11.18 -18.46 11.79
C TYR A 177 -11.74 -17.24 12.52
N LEU A 178 -11.03 -16.11 12.47
CA LEU A 178 -11.41 -14.93 13.30
C LEU A 178 -12.71 -14.26 12.80
N TYR A 179 -12.87 -14.15 11.48
CA TYR A 179 -14.02 -13.44 10.89
C TYR A 179 -15.19 -14.36 10.58
N ALA A 180 -14.93 -15.61 10.17
CA ALA A 180 -15.98 -16.53 9.71
C ALA A 180 -16.16 -17.70 10.67
N HIS A 181 -15.42 -17.70 11.77
CA HIS A 181 -15.57 -18.72 12.83
C HIS A 181 -15.28 -20.13 12.35
N SER A 182 -14.39 -20.30 11.38
CA SER A 182 -14.10 -21.62 10.81
C SER A 182 -13.10 -22.36 11.73
N ASP A 183 -13.56 -23.40 12.43
CA ASP A 183 -12.63 -24.28 13.17
C ASP A 183 -11.74 -25.06 12.20
N LEU A 184 -12.27 -25.39 11.01
CA LEU A 184 -11.44 -26.09 10.01
C LEU A 184 -10.22 -25.19 9.67
N ALA A 185 -10.47 -23.91 9.41
CA ALA A 185 -9.33 -22.99 9.15
C ALA A 185 -8.36 -22.99 10.33
N ARG A 186 -8.90 -22.91 11.54
CA ARG A 186 -8.03 -22.89 12.72
C ARG A 186 -7.09 -24.12 12.70
N GLN A 187 -7.60 -25.31 12.45
CA GLN A 187 -6.75 -26.51 12.53
C GLN A 187 -5.73 -26.47 11.37
N MET A 188 -6.18 -26.05 10.20
CA MET A 188 -5.28 -25.95 9.02
C MET A 188 -4.14 -24.96 9.36
N LEU A 189 -4.46 -23.85 10.00
CA LEU A 189 -3.49 -22.81 10.34
C LEU A 189 -2.48 -23.36 11.35
N ILE A 190 -2.96 -24.06 12.38
CA ILE A 190 -2.03 -24.62 13.38
C ILE A 190 -1.11 -25.67 12.72
N ASP A 191 -1.68 -26.52 11.87
CA ASP A 191 -0.84 -27.54 11.18
C ASP A 191 0.23 -26.85 10.31
N LEU A 192 -0.16 -25.78 9.59
CA LEU A 192 0.79 -25.06 8.73
C LEU A 192 1.86 -24.36 9.57
N THR A 193 1.54 -23.92 10.78
CA THR A 193 2.49 -23.27 11.66
C THR A 193 3.46 -24.31 12.24
N ASP A 194 2.93 -25.45 12.64
CA ASP A 194 3.76 -26.54 13.19
C ASP A 194 4.73 -26.98 12.07
N TRP A 195 4.26 -27.04 10.84
CA TRP A 195 5.14 -27.38 9.70
C TRP A 195 6.35 -26.43 9.67
N MET A 196 6.11 -25.14 9.81
CA MET A 196 7.25 -24.16 9.82
C MET A 196 8.17 -24.32 11.02
N ILE A 197 7.63 -24.67 12.20
CA ILE A 197 8.51 -24.99 13.35
C ILE A 197 9.49 -26.07 12.89
N ASP A 198 9.00 -27.11 12.21
CA ASP A 198 9.86 -28.25 11.77
C ASP A 198 10.89 -27.77 10.73
N ILE A 199 10.44 -26.96 9.76
CA ILE A 199 11.34 -26.42 8.69
C ILE A 199 12.51 -25.66 9.34
N THR A 200 12.23 -24.93 10.41
CA THR A 200 13.23 -24.00 10.97
C THR A 200 13.94 -24.59 12.19
N SER A 201 13.58 -25.82 12.57
CA SER A 201 14.12 -26.44 13.81
C SER A 201 15.63 -26.63 13.80
N GLY A 202 16.22 -26.81 12.64
CA GLY A 202 17.65 -27.02 12.48
C GLY A 202 18.39 -25.77 12.06
N LEU A 203 17.77 -24.60 12.10
CA LEU A 203 18.41 -23.36 11.58
C LEU A 203 18.85 -22.49 12.76
N SER A 204 20.07 -21.98 12.67
CA SER A 204 20.59 -21.04 13.68
C SER A 204 19.86 -19.71 13.54
N ASP A 205 20.01 -18.85 14.53
CA ASP A 205 19.47 -17.46 14.42
C ASP A 205 20.15 -16.78 13.23
N ASN A 206 21.43 -17.05 12.99
CA ASN A 206 22.14 -16.41 11.85
C ASN A 206 21.53 -16.87 10.54
N GLN A 207 21.20 -18.16 10.42
CA GLN A 207 20.61 -18.68 9.17
C GLN A 207 19.19 -18.08 8.99
N MET A 208 18.42 -18.00 10.10
CA MET A 208 17.11 -17.37 10.00
C MET A 208 17.24 -15.92 9.47
N GLN A 209 18.13 -15.14 10.05
CA GLN A 209 18.26 -13.71 9.71
C GLN A 209 18.77 -13.60 8.27
N ASP A 210 19.56 -14.56 7.78
CA ASP A 210 19.96 -14.57 6.36
C ASP A 210 18.75 -14.82 5.45
N MET A 211 17.90 -15.80 5.84
CA MET A 211 16.71 -16.14 5.03
C MET A 211 15.74 -14.94 4.98
N LEU A 212 15.67 -14.19 6.09
CA LEU A 212 14.74 -13.04 6.21
C LEU A 212 15.22 -11.85 5.34
N ARG A 213 16.39 -11.95 4.70
CA ARG A 213 16.75 -10.90 3.74
C ARG A 213 15.77 -10.93 2.55
N SER A 214 15.12 -12.08 2.31
CA SER A 214 14.09 -12.23 1.24
C SER A 214 12.78 -11.73 1.83
N GLU A 215 12.03 -10.97 1.04
CA GLU A 215 10.75 -10.40 1.50
C GLU A 215 9.87 -11.50 2.07
N HIS A 216 9.32 -11.28 3.25
CA HIS A 216 8.63 -12.37 3.96
C HIS A 216 7.29 -11.90 4.48
N GLY A 217 6.73 -10.81 3.96
CA GLY A 217 5.43 -10.32 4.44
C GLY A 217 5.45 -10.19 5.94
N GLY A 218 4.32 -10.55 6.53
CA GLY A 218 4.09 -10.41 7.97
C GLY A 218 4.13 -11.72 8.73
N LEU A 219 5.03 -12.65 8.40
CA LEU A 219 4.98 -13.96 9.08
C LEU A 219 5.06 -13.82 10.59
N ASN A 220 5.89 -12.92 11.11
CA ASN A 220 5.98 -12.71 12.58
C ASN A 220 4.60 -12.34 13.15
N GLU A 221 3.82 -11.49 12.48
CA GLU A 221 2.49 -11.18 12.93
C GLU A 221 1.64 -12.45 13.00
N THR A 222 1.54 -13.18 11.90
CA THR A 222 0.70 -14.39 11.90
C THR A 222 1.14 -15.41 12.94
N PHE A 223 2.42 -15.58 13.22
CA PHE A 223 2.90 -16.52 14.26
C PHE A 223 2.47 -16.02 15.65
N ALA A 224 2.54 -14.72 15.89
CA ALA A 224 1.99 -14.15 17.15
C ALA A 224 0.47 -14.36 17.22
N ASP A 225 -0.21 -14.27 16.09
CA ASP A 225 -1.65 -14.51 16.06
C ASP A 225 -1.92 -15.97 16.46
N VAL A 226 -1.13 -16.90 15.99
CA VAL A 226 -1.32 -18.33 16.37
C VAL A 226 -1.02 -18.51 17.86
N ALA A 227 -0.03 -17.81 18.42
CA ALA A 227 0.23 -17.83 19.87
C ALA A 227 -1.01 -17.41 20.62
N GLU A 228 -1.66 -16.35 20.20
CA GLU A 228 -2.87 -15.88 20.95
C GLU A 228 -4.01 -16.86 20.81
N ILE A 229 -4.21 -17.39 19.61
CA ILE A 229 -5.33 -18.34 19.34
C ILE A 229 -5.17 -19.58 20.21
N THR A 230 -3.94 -20.08 20.34
CA THR A 230 -3.67 -21.38 21.01
C THR A 230 -3.32 -21.21 22.48
N GLY A 231 -2.79 -20.04 22.86
CA GLY A 231 -2.19 -19.82 24.19
C GLY A 231 -0.84 -20.47 24.34
N ASP A 232 -0.22 -20.93 23.27
CA ASP A 232 1.04 -21.70 23.30
C ASP A 232 2.20 -20.77 22.94
N LYS A 233 3.10 -20.57 23.89
CA LYS A 233 4.22 -19.65 23.67
C LYS A 233 5.20 -20.16 22.62
N LYS A 234 5.14 -21.44 22.23
CA LYS A 234 6.08 -21.92 21.18
C LYS A 234 5.90 -21.06 19.92
N TYR A 235 4.69 -20.59 19.65
CA TYR A 235 4.41 -19.79 18.46
C TYR A 235 4.94 -18.35 18.63
N LEU A 236 5.06 -17.86 19.86
CA LEU A 236 5.66 -16.55 20.10
CA LEU A 236 5.69 -16.55 20.14
C LEU A 236 7.20 -16.67 19.91
N LYS A 237 7.81 -17.78 20.31
CA LYS A 237 9.23 -18.00 20.08
C LYS A 237 9.43 -18.05 18.57
N LEU A 238 8.53 -18.69 17.83
CA LEU A 238 8.64 -18.74 16.35
C LEU A 238 8.51 -17.31 15.78
N ALA A 239 7.57 -16.53 16.27
CA ALA A 239 7.33 -15.18 15.77
C ALA A 239 8.59 -14.33 15.94
N ARG A 240 9.20 -14.41 17.11
CA ARG A 240 10.44 -13.67 17.38
C ARG A 240 11.57 -14.14 16.45
N ARG A 241 11.66 -15.43 16.19
CA ARG A 241 12.67 -15.96 15.22
C ARG A 241 12.44 -15.40 13.81
N PHE A 242 11.20 -15.13 13.46
CA PHE A 242 10.80 -14.57 12.16
C PHE A 242 10.81 -13.06 12.17
N SER A 243 11.34 -12.42 13.22
CA SER A 243 11.41 -10.95 13.29
C SER A 243 12.78 -10.47 12.79
N HIS A 244 12.79 -9.69 11.71
CA HIS A 244 14.00 -9.29 11.00
C HIS A 244 14.75 -8.23 11.82
N LYS A 245 15.91 -8.59 12.37
CA LYS A 245 16.59 -7.71 13.35
C LYS A 245 17.24 -6.52 12.67
N VAL A 246 17.69 -6.63 11.42
CA VAL A 246 18.39 -5.50 10.77
C VAL A 246 17.42 -4.30 10.69
N ILE A 247 16.11 -4.57 10.52
CA ILE A 247 15.08 -3.50 10.49
C ILE A 247 14.67 -3.09 11.92
N LEU A 248 14.46 -4.05 12.82
CA LEU A 248 13.94 -3.75 14.16
C LEU A 248 14.94 -2.87 14.92
N ASP A 249 16.22 -3.25 14.93
CA ASP A 249 17.20 -2.72 15.93
C ASP A 249 17.29 -1.19 15.82
N PRO A 250 17.41 -0.58 14.62
CA PRO A 250 17.48 0.89 14.52
C PRO A 250 16.18 1.57 14.98
N LEU A 251 15.06 0.93 14.68
CA LEU A 251 13.75 1.50 15.11
C LEU A 251 13.66 1.59 16.64
N ILE A 252 14.13 0.55 17.36
CA ILE A 252 14.13 0.64 18.84
C ILE A 252 14.79 1.95 19.31
N LYS A 253 15.86 2.37 18.62
CA LYS A 253 16.75 3.50 18.99
C LYS A 253 16.27 4.82 18.34
N ASN A 254 15.09 4.81 17.69
CA ASN A 254 14.53 6.02 17.03
C ASN A 254 15.46 6.48 15.89
N GLU A 255 15.99 5.54 15.13
CA GLU A 255 16.82 5.81 13.94
C GLU A 255 16.02 5.40 12.68
N ASP A 256 15.75 6.35 11.80
CA ASP A 256 15.16 6.08 10.49
C ASP A 256 16.26 5.83 9.49
N ARG A 257 16.46 4.56 9.12
CA ARG A 257 17.48 4.12 8.15
C ARG A 257 16.80 3.63 6.87
N LEU A 258 15.61 4.13 6.60
CA LEU A 258 14.74 3.51 5.55
C LEU A 258 15.08 3.98 4.13
N ASN A 259 15.94 4.99 3.92
CA ASN A 259 16.15 5.46 2.56
C ASN A 259 16.58 4.29 1.66
N GLY A 260 15.93 4.24 0.51
CA GLY A 260 16.23 3.30 -0.58
C GLY A 260 15.61 1.95 -0.39
N MET A 261 15.00 1.68 0.75
CA MET A 261 14.40 0.36 0.99
C MET A 261 13.08 0.19 0.25
N HIS A 262 12.78 -1.04 -0.12
CA HIS A 262 11.45 -1.38 -0.64
C HIS A 262 10.44 -1.21 0.49
N ALA A 263 9.43 -0.38 0.30
CA ALA A 263 8.64 0.13 1.45
C ALA A 263 7.66 -0.95 1.97
N ASN A 264 6.86 -1.55 1.08
CA ASN A 264 5.86 -2.53 1.53
C ASN A 264 6.51 -3.79 2.09
N THR A 265 7.78 -4.04 1.82
CA THR A 265 8.50 -5.13 2.50
C THR A 265 8.60 -4.87 4.00
N GLN A 266 8.81 -3.62 4.38
CA GLN A 266 9.13 -3.32 5.79
C GLN A 266 7.85 -3.22 6.62
N ILE A 267 6.81 -2.60 6.08
CA ILE A 267 5.67 -2.23 6.95
C ILE A 267 5.12 -3.48 7.63
N PRO A 268 4.94 -4.62 6.97
CA PRO A 268 4.39 -5.82 7.64
C PRO A 268 5.32 -6.38 8.72
N LYS A 269 6.61 -6.16 8.60
CA LYS A 269 7.54 -6.56 9.65
C LYS A 269 7.19 -5.81 10.93
N VAL A 270 6.98 -4.50 10.76
CA VAL A 270 6.73 -3.59 11.90
C VAL A 270 5.38 -3.94 12.53
N ILE A 271 4.38 -4.18 11.70
CA ILE A 271 3.11 -4.74 12.23
C ILE A 271 3.40 -5.97 13.09
N GLY A 272 4.23 -6.86 12.60
CA GLY A 272 4.65 -8.05 13.34
C GLY A 272 5.35 -7.73 14.64
N TYR A 273 6.27 -6.76 14.64
CA TYR A 273 6.94 -6.44 15.92
C TYR A 273 5.86 -6.00 16.92
N LYS A 274 4.94 -5.17 16.47
CA LYS A 274 3.85 -4.66 17.34
C LYS A 274 3.02 -5.84 17.83
N ARG A 275 2.64 -6.74 16.95
CA ARG A 275 1.80 -7.89 17.37
C ARG A 275 2.53 -8.80 18.37
N VAL A 276 3.83 -9.01 18.14
CA VAL A 276 4.60 -9.78 19.12
C VAL A 276 4.57 -9.06 20.45
N ALA A 277 4.74 -7.76 20.45
CA ALA A 277 4.71 -6.97 21.70
C ALA A 277 3.37 -7.17 22.38
N GLU A 278 2.29 -7.07 21.63
CA GLU A 278 0.92 -7.21 22.21
CA GLU A 278 0.95 -7.19 22.25
C GLU A 278 0.76 -8.60 22.86
N VAL A 279 1.08 -9.65 22.14
CA VAL A 279 0.82 -11.03 22.60
C VAL A 279 1.80 -11.35 23.74
N SER A 280 2.94 -10.67 23.77
CA SER A 280 3.99 -10.85 24.81
C SER A 280 3.74 -10.00 26.07
N LYS A 281 2.67 -9.23 26.15
CA LYS A 281 2.39 -8.21 27.22
C LYS A 281 2.62 -8.86 28.57
N ASN A 282 2.22 -10.11 28.79
CA ASN A 282 2.30 -10.71 30.14
C ASN A 282 3.26 -11.90 30.14
N ASP A 283 4.23 -11.94 29.24
CA ASP A 283 5.19 -13.06 29.14
C ASP A 283 6.37 -12.77 30.08
N LYS A 284 6.44 -13.49 31.19
CA LYS A 284 7.41 -13.28 32.29
C LYS A 284 8.81 -13.65 31.80
N ASP A 285 8.94 -14.44 30.74
CA ASP A 285 10.22 -15.01 30.26
C ASP A 285 10.86 -14.14 29.17
N TRP A 286 10.27 -13.02 28.83
CA TRP A 286 10.82 -12.16 27.75
C TRP A 286 10.54 -10.72 28.10
N ASN A 287 11.52 -9.87 27.97
CA ASN A 287 11.45 -8.54 28.57
C ASN A 287 11.54 -7.44 27.53
N HIS A 288 11.03 -7.63 26.34
CA HIS A 288 11.25 -6.68 25.22
C HIS A 288 9.95 -6.09 24.70
N ALA A 289 8.79 -6.32 25.31
CA ALA A 289 7.51 -5.92 24.69
C ALA A 289 7.50 -4.38 24.53
N ALA A 290 7.87 -3.63 25.56
CA ALA A 290 7.81 -2.15 25.51
C ALA A 290 8.73 -1.66 24.37
N GLU A 291 9.90 -2.26 24.23
CA GLU A 291 10.91 -1.87 23.19
C GLU A 291 10.33 -2.11 21.82
N TRP A 292 9.68 -3.25 21.61
CA TRP A 292 9.20 -3.57 20.24
C TRP A 292 7.97 -2.70 19.92
N ASP A 293 7.10 -2.47 20.91
CA ASP A 293 5.96 -1.53 20.75
C ASP A 293 6.51 -0.17 20.34
N HIS A 294 7.55 0.30 21.04
CA HIS A 294 8.15 1.61 20.76
C HIS A 294 8.70 1.66 19.35
N ALA A 295 9.37 0.62 18.90
CA ALA A 295 9.95 0.55 17.53
C ALA A 295 8.83 0.79 16.53
N ALA A 296 7.71 0.14 16.72
CA ALA A 296 6.59 0.32 15.78
C ALA A 296 6.04 1.72 15.82
N ARG A 297 5.93 2.30 17.01
CA ARG A 297 5.38 3.68 17.13
CA ARG A 297 5.42 3.68 17.22
C ARG A 297 6.36 4.67 16.48
N PHE A 298 7.65 4.48 16.63
CA PHE A 298 8.62 5.35 15.95
C PHE A 298 8.54 5.19 14.44
N PHE A 299 8.45 3.96 13.96
CA PHE A 299 8.32 3.71 12.52
C PHE A 299 7.10 4.46 11.96
N TRP A 300 5.95 4.37 12.65
CA TRP A 300 4.74 5.08 12.19
C TRP A 300 5.04 6.57 12.10
N ASN A 301 5.58 7.14 13.19
CA ASN A 301 5.87 8.56 13.28
C ASN A 301 6.76 8.99 12.12
N THR A 302 7.82 8.25 11.84
CA THR A 302 8.78 8.74 10.84
C THR A 302 8.17 8.63 9.44
N VAL A 303 7.39 7.59 9.17
CA VAL A 303 6.78 7.46 7.83
C VAL A 303 5.70 8.50 7.62
N VAL A 304 4.80 8.63 8.57
CA VAL A 304 3.67 9.58 8.44
C VAL A 304 4.25 11.00 8.34
N ASN A 305 5.15 11.36 9.27
CA ASN A 305 5.54 12.78 9.45
C ASN A 305 6.58 13.23 8.42
N HIS A 306 7.32 12.30 7.84
CA HIS A 306 8.44 12.68 6.95
C HIS A 306 8.35 12.06 5.53
N ARG A 307 7.65 10.95 5.35
CA ARG A 307 7.75 10.18 4.09
C ARG A 307 6.43 10.11 3.34
N SER A 308 5.43 10.83 3.78
CA SER A 308 4.07 10.69 3.23
C SER A 308 3.59 11.98 2.52
N VAL A 309 2.84 11.76 1.46
CA VAL A 309 2.19 12.84 0.72
C VAL A 309 0.76 13.10 1.24
N CYS A 310 0.08 14.05 0.58
CA CYS A 310 -1.20 14.53 1.12
C CYS A 310 -2.29 13.44 1.11
N ILE A 311 -2.26 12.53 0.15
CA ILE A 311 -3.29 11.44 0.12
C ILE A 311 -3.07 10.38 1.19
N GLY A 312 -1.92 10.42 1.89
CA GLY A 312 -1.64 9.51 3.00
C GLY A 312 -0.71 8.35 2.62
N GLY A 313 -0.27 8.31 1.39
CA GLY A 313 0.56 7.25 0.88
C GLY A 313 2.05 7.63 0.88
N ASN A 314 2.88 6.65 0.54
CA ASN A 314 4.34 6.78 0.57
C ASN A 314 4.91 5.99 -0.59
N SER A 315 6.17 6.33 -0.86
CA SER A 315 7.09 5.64 -1.78
C SER A 315 6.91 6.06 -3.23
N VAL A 316 7.99 5.87 -3.98
CA VAL A 316 8.03 6.11 -5.44
C VAL A 316 8.67 4.87 -6.05
N ARG A 317 8.05 4.30 -7.08
CA ARG A 317 8.51 3.03 -7.65
C ARG A 317 8.72 2.02 -6.50
N GLU A 318 7.83 2.05 -5.52
CA GLU A 318 7.77 1.04 -4.44
C GLU A 318 8.85 1.26 -3.38
N HIS A 319 9.71 2.27 -3.49
CA HIS A 319 10.82 2.43 -2.56
C HIS A 319 10.74 3.74 -1.80
N PHE A 320 11.32 3.75 -0.59
CA PHE A 320 11.44 4.99 0.18
C PHE A 320 12.57 5.84 -0.43
N HIS A 321 12.24 7.02 -0.85
CA HIS A 321 13.21 8.05 -1.28
C HIS A 321 13.62 8.87 -0.06
N PRO A 322 14.69 9.70 -0.13
CA PRO A 322 15.02 10.54 1.02
C PRO A 322 13.91 11.52 1.36
N SER A 323 13.66 11.76 2.66
CA SER A 323 12.56 12.63 3.14
C SER A 323 12.86 14.09 2.78
N ASP A 324 14.12 14.42 2.45
CA ASP A 324 14.46 15.79 2.05
C ASP A 324 14.41 15.94 0.53
N ASN A 325 13.93 14.93 -0.21
CA ASN A 325 13.92 15.04 -1.68
C ASN A 325 12.72 14.30 -2.27
N PHE A 326 11.67 15.05 -2.59
CA PHE A 326 10.42 14.54 -3.19
C PHE A 326 10.45 14.72 -4.71
N THR A 327 11.59 15.06 -5.29
CA THR A 327 11.65 15.29 -6.77
C THR A 327 11.05 14.08 -7.51
N SER A 328 11.46 12.86 -7.16
CA SER A 328 10.96 11.70 -7.94
C SER A 328 9.45 11.52 -7.74
N MET A 329 8.95 11.87 -6.56
CA MET A 329 7.49 11.78 -6.29
C MET A 329 6.75 12.72 -7.27
N LEU A 330 7.35 13.85 -7.65
CA LEU A 330 6.64 14.83 -8.52
C LEU A 330 6.86 14.58 -10.01
N ASN A 331 7.80 13.70 -10.36
CA ASN A 331 8.20 13.49 -11.76
C ASN A 331 7.85 12.09 -12.26
N ASP A 332 7.77 11.09 -11.38
CA ASP A 332 7.61 9.68 -11.81
C ASP A 332 6.10 9.36 -11.94
N VAL A 333 5.78 8.50 -12.88
CA VAL A 333 4.39 7.98 -13.03
C VAL A 333 4.09 6.91 -11.96
N GLN A 334 5.10 6.39 -11.27
CA GLN A 334 4.88 5.38 -10.22
C GLN A 334 4.90 6.01 -8.83
N GLY A 335 3.80 6.68 -8.52
CA GLY A 335 3.64 7.33 -7.23
C GLY A 335 3.32 6.28 -6.16
N PRO A 336 2.76 6.71 -5.01
CA PRO A 336 2.49 5.78 -3.91
C PRO A 336 1.80 4.51 -4.37
N GLU A 337 2.27 3.42 -3.77
CA GLU A 337 1.71 2.10 -3.99
C GLU A 337 0.58 1.84 -2.99
N THR A 338 -0.50 1.21 -3.42
CA THR A 338 -1.66 1.08 -2.52
C THR A 338 -1.38 0.12 -1.34
N CYS A 339 -0.71 -1.00 -1.58
CA CYS A 339 -0.38 -1.93 -0.47
C CYS A 339 0.16 -1.15 0.72
N ASN A 340 1.04 -0.19 0.47
CA ASN A 340 1.77 0.43 1.58
C ASN A 340 0.74 1.11 2.49
N THR A 341 -0.25 1.77 1.91
CA THR A 341 -1.23 2.47 2.74
C THR A 341 -2.12 1.47 3.45
N TYR A 342 -2.55 0.42 2.76
CA TYR A 342 -3.28 -0.69 3.42
C TYR A 342 -2.52 -1.13 4.66
N ASN A 343 -1.21 -1.27 4.54
CA ASN A 343 -0.40 -1.75 5.68
C ASN A 343 -0.22 -0.64 6.71
N MET A 344 0.00 0.62 6.28
CA MET A 344 0.11 1.69 7.29
C MET A 344 -1.19 1.80 8.10
N LEU A 345 -2.32 1.56 7.51
CA LEU A 345 -3.61 1.63 8.24
C LEU A 345 -3.72 0.45 9.22
N ARG A 346 -3.29 -0.73 8.84
CA ARG A 346 -3.26 -1.88 9.80
CA ARG A 346 -3.25 -1.88 9.80
C ARG A 346 -2.40 -1.52 11.02
N LEU A 347 -1.25 -0.89 10.75
CA LEU A 347 -0.37 -0.50 11.85
C LEU A 347 -1.07 0.56 12.70
N THR A 348 -1.67 1.56 12.03
CA THR A 348 -2.31 2.67 12.72
C THR A 348 -3.31 2.09 13.74
N LYS A 349 -4.13 1.14 13.31
CA LYS A 349 -5.20 0.57 14.16
C LYS A 349 -4.57 -0.09 15.39
N MET A 350 -3.46 -0.76 15.20
CA MET A 350 -2.76 -1.40 16.34
C MET A 350 -2.21 -0.34 17.30
N LEU A 351 -1.54 0.68 16.79
CA LEU A 351 -0.93 1.69 17.65
C LEU A 351 -1.97 2.54 18.40
N TYR A 352 -3.07 2.84 17.75
CA TYR A 352 -4.13 3.65 18.40
C TYR A 352 -4.66 2.88 19.60
N GLN A 353 -4.87 1.58 19.46
CA GLN A 353 -5.65 0.79 20.45
C GLN A 353 -5.06 0.95 21.86
N ASN A 354 -3.75 0.87 21.97
CA ASN A 354 -3.07 0.96 23.26
C ASN A 354 -2.27 2.27 23.44
N SER A 355 -2.59 3.31 22.68
CA SER A 355 -1.92 4.61 22.76
C SER A 355 -2.12 5.22 24.13
N GLY A 356 -3.28 5.01 24.72
CA GLY A 356 -3.59 5.54 26.04
C GLY A 356 -2.89 4.80 27.15
N ASP A 357 -2.56 3.51 26.95
CA ASP A 357 -1.83 2.69 27.95
C ASP A 357 -0.37 3.18 27.93
N VAL A 358 0.15 3.38 26.73
CA VAL A 358 1.59 3.71 26.55
C VAL A 358 1.88 5.14 27.06
N ASP A 359 0.94 6.09 26.95
CA ASP A 359 1.16 7.46 27.47
C ASP A 359 0.50 7.67 28.86
N ASN A 360 -0.04 6.61 29.50
CA ASN A 360 -0.70 6.54 30.85
CA ASN A 360 -0.58 6.65 30.87
C ASN A 360 -1.78 7.61 30.98
N SER A 361 -2.33 8.08 29.85
CA SER A 361 -3.51 8.98 29.86
C SER A 361 -4.82 8.17 29.97
N ASN A 362 -4.86 6.90 29.57
CA ASN A 362 -6.11 6.09 29.52
C ASN A 362 -7.07 6.58 28.45
N LYS A 363 -6.64 7.43 27.54
CA LYS A 363 -7.50 7.86 26.42
C LYS A 363 -6.63 7.73 25.21
N PRO A 364 -7.12 7.07 24.16
CA PRO A 364 -6.31 6.91 22.97
C PRO A 364 -6.13 8.26 22.24
N ASP A 365 -5.13 8.28 21.36
CA ASP A 365 -4.60 9.51 20.76
C ASP A 365 -5.28 9.70 19.41
N PRO A 366 -6.11 10.76 19.28
CA PRO A 366 -6.85 10.92 18.04
C PRO A 366 -5.98 11.38 16.85
N ARG A 367 -4.71 11.69 17.09
CA ARG A 367 -3.78 12.00 15.96
C ARG A 367 -3.68 10.76 15.05
N TYR A 368 -3.76 9.57 15.61
CA TYR A 368 -3.72 8.37 14.76
C TYR A 368 -4.94 8.37 13.82
N VAL A 369 -6.09 8.78 14.35
CA VAL A 369 -7.34 8.80 13.57
C VAL A 369 -7.23 9.87 12.47
N ASP A 370 -6.61 11.02 12.71
CA ASP A 370 -6.50 12.05 11.65
C ASP A 370 -5.75 11.43 10.45
N TYR A 371 -4.70 10.66 10.72
CA TYR A 371 -3.96 9.97 9.63
C TYR A 371 -4.89 8.96 8.98
N TYR A 372 -5.54 8.14 9.81
CA TYR A 372 -6.36 7.04 9.26
C TYR A 372 -7.40 7.65 8.30
N GLU A 373 -8.10 8.71 8.70
CA GLU A 373 -9.12 9.37 7.88
C GLU A 373 -8.46 9.87 6.59
N ARG A 374 -7.32 10.57 6.70
CA ARG A 374 -6.66 11.15 5.49
C ARG A 374 -6.37 10.05 4.47
N ALA A 375 -5.82 8.95 4.93
CA ALA A 375 -5.38 7.86 4.03
C ALA A 375 -6.59 7.07 3.52
N LEU A 376 -7.60 6.90 4.37
CA LEU A 376 -8.75 6.08 3.98
C LEU A 376 -9.58 6.79 2.94
N TYR A 377 -9.85 8.09 3.12
CA TYR A 377 -10.69 8.80 2.14
C TYR A 377 -9.90 9.04 0.85
N ASN A 378 -8.61 9.38 0.96
CA ASN A 378 -7.89 9.95 -0.21
C ASN A 378 -7.10 8.89 -0.96
N HIS A 379 -6.66 7.84 -0.30
CA HIS A 379 -5.90 6.79 -1.01
C HIS A 379 -6.75 5.52 -1.12
N ILE A 380 -7.16 4.93 0.01
CA ILE A 380 -7.85 3.63 -0.13
C ILE A 380 -9.14 3.81 -0.95
N LEU A 381 -9.98 4.74 -0.60
CA LEU A 381 -11.25 4.96 -1.30
C LEU A 381 -11.01 5.33 -2.77
N SER A 382 -9.93 6.06 -3.07
CA SER A 382 -9.65 6.48 -4.46
C SER A 382 -9.11 5.34 -5.30
N SER A 383 -8.69 4.23 -4.68
CA SER A 383 -7.90 3.18 -5.35
C SER A 383 -8.77 2.10 -6.02
N GLN A 384 -10.08 2.24 -6.02
CA GLN A 384 -10.99 1.32 -6.70
C GLN A 384 -11.89 2.14 -7.63
N GLU A 385 -11.99 1.69 -8.87
CA GLU A 385 -12.96 2.30 -9.80
C GLU A 385 -14.35 2.03 -9.23
N PRO A 386 -15.14 3.07 -8.90
CA PRO A 386 -16.29 2.91 -8.03
C PRO A 386 -17.48 2.19 -8.65
N ASP A 387 -17.60 2.28 -9.98
CA ASP A 387 -18.77 1.74 -10.69
C ASP A 387 -18.48 0.29 -11.14
N LYS A 388 -17.41 0.08 -11.85
CA LYS A 388 -17.06 -1.20 -12.52
C LYS A 388 -16.17 -2.03 -11.62
N GLY A 389 -15.47 -1.41 -10.69
CA GLY A 389 -14.38 -2.09 -10.00
C GLY A 389 -13.09 -2.11 -10.75
N GLY A 390 -12.06 -2.54 -10.04
CA GLY A 390 -10.68 -2.48 -10.52
C GLY A 390 -9.85 -1.70 -9.51
N PHE A 391 -8.71 -2.26 -9.19
CA PHE A 391 -7.83 -1.77 -8.13
C PHE A 391 -6.63 -1.06 -8.75
N VAL A 392 -6.22 0.01 -8.11
CA VAL A 392 -5.03 0.80 -8.47
C VAL A 392 -3.80 0.21 -7.75
N TYR A 393 -2.68 0.17 -8.48
CA TYR A 393 -1.35 -0.17 -7.93
C TYR A 393 -0.64 1.15 -7.57
N PHE A 394 -0.38 2.00 -8.58
CA PHE A 394 0.33 3.26 -8.38
C PHE A 394 -0.63 4.43 -8.55
N THR A 395 -0.47 5.43 -7.70
CA THR A 395 -1.22 6.71 -7.82
C THR A 395 -0.22 7.82 -8.08
N PRO A 396 0.02 8.18 -9.35
CA PRO A 396 0.99 9.24 -9.59
C PRO A 396 0.65 10.55 -8.90
N MET A 397 1.69 11.20 -8.38
CA MET A 397 1.61 12.59 -7.90
C MET A 397 2.18 13.54 -8.95
N ARG A 398 2.82 13.04 -9.99
CA ARG A 398 3.22 13.85 -11.15
C ARG A 398 1.97 14.54 -11.69
N PRO A 399 1.94 15.87 -11.86
CA PRO A 399 0.75 16.51 -12.37
C PRO A 399 0.52 16.09 -13.81
N GLY A 400 -0.72 15.70 -14.10
CA GLY A 400 -1.22 15.45 -15.45
C GLY A 400 -1.10 14.02 -15.95
N HIS A 401 -0.83 13.04 -15.07
CA HIS A 401 -0.84 11.62 -15.48
C HIS A 401 -2.13 10.96 -15.00
N TYR A 402 -2.19 9.65 -15.07
CA TYR A 402 -3.41 8.89 -14.77
C TYR A 402 -3.00 7.56 -14.11
N ARG A 403 -3.98 6.89 -13.53
CA ARG A 403 -3.75 5.61 -12.86
C ARG A 403 -4.54 4.51 -13.54
N VAL A 404 -3.91 3.34 -13.56
CA VAL A 404 -4.41 2.09 -14.13
C VAL A 404 -5.16 1.25 -13.09
N TYR A 405 -6.25 0.63 -13.55
CA TYR A 405 -7.06 -0.30 -12.79
C TYR A 405 -6.84 -1.75 -13.21
N SER A 406 -6.86 -2.65 -12.22
CA SER A 406 -6.90 -4.09 -12.46
C SER A 406 -8.20 -4.50 -13.12
N GLN A 407 -8.19 -5.73 -13.62
CA GLN A 407 -9.41 -6.43 -14.03
C GLN A 407 -9.41 -7.81 -13.36
N PRO A 408 -10.59 -8.35 -12.98
CA PRO A 408 -10.63 -9.59 -12.21
C PRO A 408 -9.81 -10.73 -12.78
N GLU A 409 -9.92 -10.98 -14.08
CA GLU A 409 -9.28 -12.20 -14.64
C GLU A 409 -7.90 -11.97 -15.21
N THR A 410 -7.41 -10.73 -15.21
CA THR A 410 -6.10 -10.39 -15.82
C THR A 410 -5.00 -10.10 -14.81
N SER A 411 -5.37 -9.61 -13.66
CA SER A 411 -4.44 -8.86 -12.79
C SER A 411 -4.23 -9.59 -11.46
N MET A 412 -3.00 -10.02 -11.15
CA MET A 412 -2.70 -10.82 -9.97
C MET A 412 -1.63 -10.13 -9.13
N TRP A 413 -1.70 -8.80 -9.09
CA TRP A 413 -0.69 -7.97 -8.40
C TRP A 413 -0.83 -8.00 -6.88
N CYS A 414 0.24 -7.63 -6.19
CA CYS A 414 0.18 -7.39 -4.74
C CYS A 414 -0.99 -6.44 -4.43
N CYS A 415 -1.13 -5.36 -5.16
CA CYS A 415 -2.17 -4.36 -4.94
C CYS A 415 -3.56 -4.87 -5.30
N VAL A 416 -3.71 -5.98 -6.04
CA VAL A 416 -5.02 -6.63 -6.17
C VAL A 416 -5.30 -7.35 -4.85
N GLY A 417 -4.34 -8.08 -4.34
CA GLY A 417 -4.55 -8.85 -3.08
C GLY A 417 -4.96 -7.92 -1.96
N SER A 418 -4.21 -6.85 -1.71
CA SER A 418 -4.60 -5.87 -0.66
C SER A 418 -5.89 -5.13 -1.05
N GLY A 419 -6.09 -4.89 -2.36
CA GLY A 419 -7.29 -4.25 -2.84
C GLY A 419 -8.53 -5.04 -2.44
N LEU A 420 -8.49 -6.35 -2.65
CA LEU A 420 -9.66 -7.17 -2.28
C LEU A 420 -10.01 -6.97 -0.81
N GLU A 421 -8.97 -6.91 0.06
CA GLU A 421 -9.17 -6.74 1.51
C GLU A 421 -9.69 -5.35 1.86
N ASN A 422 -9.16 -4.31 1.19
CA ASN A 422 -9.43 -2.92 1.63
C ASN A 422 -10.93 -2.67 1.87
N HIS A 423 -11.79 -3.03 0.93
CA HIS A 423 -13.15 -2.46 0.90
C HIS A 423 -14.11 -3.39 1.64
N THR A 424 -13.57 -4.47 2.24
CA THR A 424 -14.38 -5.37 3.08
C THR A 424 -14.61 -4.79 4.47
N LYS A 425 -13.79 -3.84 4.89
CA LYS A 425 -13.54 -3.66 6.33
C LYS A 425 -13.62 -2.18 6.69
N TYR A 426 -14.33 -1.38 5.90
CA TYR A 426 -14.52 0.04 6.28
C TYR A 426 -15.27 0.23 7.64
N GLY A 427 -16.01 -0.78 8.07
CA GLY A 427 -16.67 -0.69 9.37
C GLY A 427 -15.69 -0.79 10.56
N GLU A 428 -14.43 -1.16 10.34
CA GLU A 428 -13.58 -1.66 11.44
C GLU A 428 -13.10 -0.53 12.34
N PHE A 429 -12.96 0.70 11.85
CA PHE A 429 -12.31 1.77 12.63
C PHE A 429 -13.26 2.96 12.84
N ILE A 430 -14.53 2.85 12.49
CA ILE A 430 -15.47 3.99 12.67
C ILE A 430 -15.57 4.33 14.17
N TYR A 431 -15.68 3.29 15.00
CA TYR A 431 -15.92 3.43 16.43
C TYR A 431 -14.87 2.62 17.20
N ALA A 432 -14.74 2.91 18.49
CA ALA A 432 -14.01 2.04 19.44
C ALA A 432 -14.72 2.13 20.79
N HIS A 433 -14.57 1.10 21.62
CA HIS A 433 -15.28 1.11 22.91
C HIS A 433 -14.31 0.83 24.04
N GLN A 434 -14.67 1.39 25.18
CA GLN A 434 -13.80 1.35 26.36
C GLN A 434 -14.72 1.38 27.60
N GLN A 435 -15.22 0.19 27.95
CA GLN A 435 -16.20 0.09 29.06
C GLN A 435 -17.37 1.02 28.75
N ASP A 436 -17.62 2.02 29.60
CA ASP A 436 -18.80 2.90 29.42
C ASP A 436 -18.52 4.07 28.46
N THR A 437 -17.47 4.00 27.67
CA THR A 437 -17.09 5.04 26.74
C THR A 437 -17.13 4.49 25.30
N LEU A 438 -17.70 5.29 24.39
CA LEU A 438 -17.67 5.05 22.95
C LEU A 438 -16.85 6.18 22.30
N TYR A 439 -15.90 5.80 21.47
CA TYR A 439 -15.16 6.77 20.61
C TYR A 439 -15.83 6.78 19.26
N VAL A 440 -16.26 7.99 18.85
CA VAL A 440 -16.81 8.22 17.51
C VAL A 440 -15.66 8.82 16.69
N ASN A 441 -15.05 7.98 15.86
CA ASN A 441 -13.78 8.31 15.19
C ASN A 441 -13.98 8.78 13.74
N LEU A 442 -14.66 8.00 12.94
CA LEU A 442 -14.89 8.33 11.53
C LEU A 442 -16.33 8.71 11.29
N PHE A 443 -16.53 9.71 10.41
CA PHE A 443 -17.86 10.28 10.14
C PHE A 443 -18.47 9.56 8.94
N ILE A 444 -18.71 8.27 9.13
CA ILE A 444 -19.17 7.38 8.06
C ILE A 444 -20.58 6.88 8.43
N PRO A 445 -21.59 7.09 7.58
CA PRO A 445 -22.93 6.58 7.85
C PRO A 445 -22.93 5.09 8.19
N SER A 446 -23.55 4.74 9.30
CA SER A 446 -23.39 3.40 9.85
C SER A 446 -24.41 3.20 10.98
N GLN A 447 -24.71 1.95 11.21
CA GLN A 447 -25.50 1.53 12.40
C GLN A 447 -24.62 0.60 13.22
N LEU A 448 -24.51 0.92 14.51
CA LEU A 448 -23.60 0.25 15.45
C LEU A 448 -24.45 -0.56 16.43
N ASN A 449 -24.07 -1.82 16.61
CA ASN A 449 -24.64 -2.66 17.69
C ASN A 449 -23.60 -2.70 18.80
N TRP A 450 -23.80 -1.89 19.81
CA TRP A 450 -22.90 -1.82 20.99
C TRP A 450 -23.51 -2.68 22.08
N LYS A 451 -23.45 -3.98 21.88
CA LYS A 451 -24.21 -4.93 22.73
CA LYS A 451 -24.12 -5.02 22.71
C LYS A 451 -23.68 -4.89 24.17
N GLU A 452 -22.40 -4.56 24.36
CA GLU A 452 -21.78 -4.53 25.70
C GLU A 452 -22.49 -3.54 26.61
N GLN A 453 -23.14 -2.53 26.07
CA GLN A 453 -23.81 -1.51 26.90
C GLN A 453 -25.30 -1.42 26.51
N GLY A 454 -25.80 -2.37 25.75
CA GLY A 454 -27.23 -2.45 25.43
C GLY A 454 -27.67 -1.35 24.47
N VAL A 455 -26.72 -0.83 23.66
CA VAL A 455 -27.06 0.31 22.77
C VAL A 455 -26.99 -0.08 21.30
N THR A 456 -27.92 0.44 20.53
CA THR A 456 -27.86 0.54 19.06
C THR A 456 -27.91 2.00 18.68
N LEU A 457 -27.01 2.44 17.82
CA LEU A 457 -26.87 3.86 17.45
C LEU A 457 -26.74 3.90 15.93
N THR A 458 -27.25 4.94 15.30
CA THR A 458 -27.11 5.23 13.87
C THR A 458 -26.42 6.59 13.73
N GLN A 459 -25.37 6.57 12.93
CA GLN A 459 -24.67 7.80 12.52
C GLN A 459 -25.21 8.14 11.12
N GLU A 460 -25.76 9.34 10.98
CA GLU A 460 -26.34 9.87 9.72
C GLU A 460 -25.54 11.13 9.38
N THR A 461 -25.02 11.16 8.16
CA THR A 461 -24.23 12.30 7.67
C THR A 461 -24.05 12.18 6.16
N LEU A 462 -23.95 13.33 5.52
CA LEU A 462 -23.53 13.39 4.12
C LEU A 462 -22.05 13.72 3.97
N PHE A 463 -21.34 13.77 5.10
CA PHE A 463 -19.90 14.10 5.13
C PHE A 463 -19.23 13.23 4.07
N PRO A 464 -18.33 13.75 3.22
CA PRO A 464 -17.79 15.13 3.30
C PRO A 464 -18.54 16.26 2.54
N ASP A 465 -19.71 15.93 1.98
CA ASP A 465 -20.46 16.89 1.16
C ASP A 465 -21.26 17.84 2.05
N ASP A 466 -21.36 17.55 3.33
CA ASP A 466 -22.03 18.43 4.31
C ASP A 466 -21.28 18.29 5.62
N GLU A 467 -21.45 19.23 6.54
CA GLU A 467 -20.72 19.32 7.83
C GLU A 467 -21.51 18.68 8.97
N LYS A 468 -22.78 18.37 8.79
CA LYS A 468 -23.68 17.95 9.90
C LYS A 468 -23.53 16.45 10.11
N VAL A 469 -23.40 16.07 11.36
CA VAL A 469 -23.50 14.66 11.78
C VAL A 469 -24.58 14.53 12.86
N THR A 470 -25.41 13.49 12.71
CA THR A 470 -26.42 13.16 13.74
C THR A 470 -26.14 11.74 14.21
N LEU A 471 -26.15 11.55 15.49
CA LEU A 471 -26.14 10.23 16.12
C LEU A 471 -27.52 10.04 16.75
N ARG A 472 -28.17 8.94 16.42
CA ARG A 472 -29.53 8.64 16.91
C ARG A 472 -29.41 7.35 17.75
N ILE A 473 -29.94 7.41 18.96
CA ILE A 473 -29.99 6.21 19.81
C ILE A 473 -31.24 5.42 19.42
N ASP A 474 -31.03 4.26 18.83
CA ASP A 474 -32.17 3.42 18.38
C ASP A 474 -32.67 2.52 19.52
N LYS A 475 -31.77 2.16 20.46
CA LYS A 475 -32.03 1.22 21.56
C LYS A 475 -31.01 1.57 22.66
N ALA A 476 -31.44 1.55 23.92
CA ALA A 476 -30.53 1.76 25.05
C ALA A 476 -31.16 1.22 26.33
N ALA A 477 -30.31 1.00 27.32
CA ALA A 477 -30.73 0.48 28.63
C ALA A 477 -30.47 1.49 29.75
N LYS A 478 -30.32 2.77 29.41
CA LYS A 478 -30.21 3.94 30.36
C LYS A 478 -28.93 3.79 31.24
N LYS A 479 -27.89 3.10 30.76
CA LYS A 479 -26.55 3.20 31.38
C LYS A 479 -26.02 4.60 31.15
N ASN A 480 -25.28 5.12 32.12
CA ASN A 480 -24.54 6.40 31.89
C ASN A 480 -23.35 6.07 30.99
N LEU A 481 -23.30 6.64 29.80
CA LEU A 481 -22.24 6.35 28.82
C LEU A 481 -21.68 7.65 28.30
N THR A 482 -20.36 7.67 28.08
CA THR A 482 -19.71 8.85 27.51
C THR A 482 -19.47 8.61 26.01
N LEU A 483 -20.00 9.48 25.17
CA LEU A 483 -19.68 9.55 23.75
C LEU A 483 -18.50 10.50 23.63
N MET A 484 -17.40 10.01 23.09
CA MET A 484 -16.19 10.80 22.85
C MET A 484 -16.16 11.12 21.36
N ILE A 485 -16.57 12.31 21.02
CA ILE A 485 -16.68 12.71 19.60
CA ILE A 485 -16.71 12.81 19.63
C ILE A 485 -15.33 13.31 19.20
N ARG A 486 -14.73 12.73 18.16
CA ARG A 486 -13.48 13.27 17.63
CA ARG A 486 -13.46 13.28 17.65
C ARG A 486 -13.72 14.67 17.07
N ILE A 487 -12.91 15.61 17.51
CA ILE A 487 -12.84 16.97 16.91
C ILE A 487 -11.51 17.04 16.20
N PRO A 488 -11.48 16.76 14.90
CA PRO A 488 -10.21 16.77 14.18
C PRO A 488 -9.49 18.12 14.23
N GLU A 489 -8.16 18.09 14.10
CA GLU A 489 -7.37 19.36 13.95
C GLU A 489 -7.94 20.22 12.82
N TRP A 490 -8.36 19.61 11.73
CA TRP A 490 -8.92 20.36 10.58
C TRP A 490 -10.25 21.06 10.87
N ALA A 491 -10.97 20.68 11.91
CA ALA A 491 -12.31 21.22 12.20
C ALA A 491 -12.24 22.48 13.05
N GLY A 492 -11.07 22.93 13.39
N TYR A 497 -17.29 25.17 20.51
CA TYR A 497 -17.87 23.80 20.33
C TYR A 497 -19.34 23.86 20.76
N GLU A 498 -20.31 23.83 19.82
CA GLU A 498 -21.79 23.67 20.12
C GLU A 498 -22.34 22.31 19.61
N ILE A 499 -22.92 21.52 20.50
CA ILE A 499 -23.64 20.31 20.07
C ILE A 499 -25.12 20.60 20.36
N THR A 500 -26.01 19.87 19.74
CA THR A 500 -27.42 19.81 20.12
C THR A 500 -27.70 18.42 20.66
N ILE A 501 -28.37 18.32 21.80
CA ILE A 501 -28.99 17.05 22.29
C ILE A 501 -30.49 17.27 22.42
N ASN A 502 -31.29 16.53 21.65
CA ASN A 502 -32.76 16.59 21.75
C ASN A 502 -33.19 18.05 21.62
N GLY A 503 -32.62 18.75 20.68
CA GLY A 503 -33.00 20.15 20.39
C GLY A 503 -32.41 21.18 21.34
N LYS A 504 -31.65 20.82 22.37
CA LYS A 504 -31.08 21.78 23.35
C LYS A 504 -29.59 21.96 23.01
N LYS A 505 -29.13 23.20 22.87
CA LYS A 505 -27.74 23.55 22.52
C LYS A 505 -26.90 23.37 23.79
N HIS A 506 -25.70 22.76 23.67
CA HIS A 506 -24.69 22.70 24.78
C HIS A 506 -23.37 23.24 24.26
N LEU A 507 -22.85 24.28 24.91
CA LEU A 507 -21.67 25.06 24.43
C LEU A 507 -20.51 24.56 25.29
N SER A 508 -19.36 24.12 24.73
CA SER A 508 -18.16 23.88 25.59
C SER A 508 -16.93 24.60 25.05
N ASP A 509 -15.96 24.88 25.94
CA ASP A 509 -14.71 25.63 25.63
C ASP A 509 -13.75 24.69 24.87
N ILE A 510 -13.24 25.13 23.70
CA ILE A 510 -12.08 24.53 22.98
C ILE A 510 -10.92 24.49 23.99
N GLN A 511 -10.28 23.33 24.21
CA GLN A 511 -9.16 23.17 25.20
C GLN A 511 -7.80 23.13 24.46
N THR A 512 -7.86 22.82 23.17
CA THR A 512 -6.70 22.59 22.26
C THR A 512 -7.20 22.73 20.80
N GLY A 513 -6.42 23.40 19.92
CA GLY A 513 -6.54 23.37 18.44
C GLY A 513 -6.15 22.01 17.86
N ALA A 514 -5.36 21.21 18.59
CA ALA A 514 -4.96 19.84 18.20
C ALA A 514 -6.20 18.94 18.10
N SER A 515 -6.06 17.82 17.41
CA SER A 515 -7.07 16.72 17.40
CA SER A 515 -7.14 16.83 17.41
C SER A 515 -7.40 16.45 18.88
N THR A 516 -8.67 16.37 19.22
CA THR A 516 -9.09 16.04 20.59
C THR A 516 -10.44 15.37 20.54
N TYR A 517 -10.94 14.94 21.71
CA TYR A 517 -12.28 14.39 21.87
C TYR A 517 -13.12 15.34 22.71
N LEU A 518 -14.37 15.51 22.32
CA LEU A 518 -15.43 16.21 23.09
C LEU A 518 -16.27 15.14 23.78
N PRO A 519 -16.21 15.07 25.13
CA PRO A 519 -16.99 14.10 25.89
C PRO A 519 -18.42 14.58 26.13
N ILE A 520 -19.36 13.68 25.88
CA ILE A 520 -20.80 13.95 26.12
C ILE A 520 -21.38 12.72 26.84
N ARG A 521 -21.69 12.86 28.13
CA ARG A 521 -22.12 11.75 28.98
C ARG A 521 -23.57 11.97 29.39
N ARG A 522 -24.41 10.96 29.12
CA ARG A 522 -25.82 10.94 29.49
C ARG A 522 -26.25 9.49 29.73
N LYS A 523 -27.41 9.35 30.38
CA LYS A 523 -28.18 8.11 30.42
C LYS A 523 -28.98 8.04 29.15
N TRP A 524 -28.29 7.68 28.08
CA TRP A 524 -28.93 7.67 26.74
C TRP A 524 -30.15 6.75 26.77
N LYS A 525 -31.19 7.16 26.01
CA LYS A 525 -32.42 6.37 25.90
C LYS A 525 -32.82 6.38 24.41
N LYS A 526 -33.60 5.40 24.04
CA LYS A 526 -34.21 5.33 22.70
C LYS A 526 -34.79 6.67 22.31
N GLY A 527 -34.39 7.16 21.16
CA GLY A 527 -34.95 8.38 20.54
C GLY A 527 -34.05 9.59 20.72
N ASP A 528 -33.12 9.52 21.65
CA ASP A 528 -32.16 10.63 21.84
C ASP A 528 -31.37 10.86 20.52
N MET A 529 -31.10 12.11 20.25
CA MET A 529 -30.43 12.61 19.02
CA MET A 529 -30.39 12.57 19.04
C MET A 529 -29.34 13.58 19.45
N ILE A 530 -28.12 13.35 18.98
CA ILE A 530 -26.95 14.23 19.21
C ILE A 530 -26.53 14.75 17.85
N THR A 531 -26.52 16.06 17.72
CA THR A 531 -26.12 16.69 16.44
C THR A 531 -24.89 17.55 16.65
N PHE A 532 -23.94 17.48 15.72
CA PHE A 532 -22.74 18.36 15.74
C PHE A 532 -22.32 18.65 14.32
N HIS A 533 -21.49 19.67 14.13
CA HIS A 533 -21.06 20.14 12.78
C HIS A 533 -19.55 20.17 12.78
N LEU A 534 -18.94 19.84 11.67
CA LEU A 534 -17.48 19.78 11.48
C LEU A 534 -17.10 20.86 10.47
N PRO A 535 -16.70 22.06 10.93
CA PRO A 535 -16.42 23.14 9.98
C PRO A 535 -15.21 22.81 9.10
N MET A 536 -15.45 22.91 7.80
CA MET A 536 -14.43 22.57 6.77
C MET A 536 -13.91 23.83 6.09
N LYS A 537 -12.57 23.88 5.94
CA LYS A 537 -11.85 25.01 5.34
C LYS A 537 -11.00 24.50 4.18
N VAL A 538 -10.75 25.36 3.21
CA VAL A 538 -9.73 25.16 2.18
C VAL A 538 -8.36 25.32 2.80
N SER A 539 -7.49 24.37 2.52
CA SER A 539 -6.07 24.51 2.88
C SER A 539 -5.24 24.20 1.64
N LEU A 540 -3.98 24.62 1.70
CA LEU A 540 -3.00 24.43 0.60
C LEU A 540 -1.76 23.78 1.17
N GLU A 541 -1.56 22.49 0.88
CA GLU A 541 -0.53 21.66 1.49
C GLU A 541 0.64 21.52 0.52
N GLN A 542 1.80 22.01 0.99
CA GLN A 542 3.02 21.97 0.17
C GLN A 542 3.58 20.56 0.19
N ILE A 543 4.20 20.16 -0.90
CA ILE A 543 5.03 18.93 -0.92
C ILE A 543 6.01 19.00 0.26
N PRO A 544 6.29 17.89 1.00
CA PRO A 544 6.96 18.04 2.30
C PRO A 544 8.39 18.62 2.31
N ASP A 545 9.10 18.49 1.18
CA ASP A 545 10.49 19.06 1.08
C ASP A 545 10.46 20.54 0.69
N LYS A 546 9.29 21.11 0.55
CA LYS A 546 9.09 22.57 0.30
C LYS A 546 9.66 22.98 -1.06
N LYS A 547 9.59 22.10 -2.06
CA LYS A 547 9.62 22.47 -3.47
C LYS A 547 8.32 23.19 -3.83
N ASP A 548 8.25 23.72 -5.04
CA ASP A 548 7.16 24.69 -5.39
C ASP A 548 5.97 23.91 -5.98
N TYR A 549 5.45 22.96 -5.20
CA TYR A 549 4.24 22.21 -5.57
C TYR A 549 3.29 22.11 -4.36
N TYR A 550 2.02 22.32 -4.59
CA TYR A 550 0.96 22.41 -3.56
C TYR A 550 -0.29 21.67 -4.03
N ALA A 551 -0.98 21.08 -3.06
CA ALA A 551 -2.27 20.43 -3.25
C ALA A 551 -3.31 21.18 -2.44
N PHE A 552 -4.51 21.23 -2.95
CA PHE A 552 -5.67 21.80 -2.23
C PHE A 552 -6.42 20.71 -1.49
N LEU A 553 -6.82 21.03 -0.27
CA LEU A 553 -7.75 20.20 0.53
C LEU A 553 -8.93 21.01 0.99
N TYR A 554 -10.03 20.32 1.23
CA TYR A 554 -11.20 20.87 1.90
C TYR A 554 -11.47 19.95 3.08
N GLY A 555 -11.37 20.49 4.30
CA GLY A 555 -11.33 19.62 5.47
C GLY A 555 -10.23 18.59 5.25
N PRO A 556 -10.48 17.27 5.41
CA PRO A 556 -9.44 16.27 5.17
C PRO A 556 -9.44 15.68 3.75
N ILE A 557 -10.22 16.30 2.86
CA ILE A 557 -10.42 15.74 1.51
C ILE A 557 -9.42 16.42 0.54
N VAL A 558 -8.62 15.62 -0.10
CA VAL A 558 -7.68 16.09 -1.15
C VAL A 558 -8.53 16.34 -2.42
N LEU A 559 -8.34 17.50 -3.02
CA LEU A 559 -9.01 17.88 -4.25
C LEU A 559 -8.07 17.64 -5.44
N ALA A 560 -8.67 17.55 -6.62
CA ALA A 560 -7.90 17.32 -7.85
C ALA A 560 -8.70 17.91 -9.01
N THR A 561 -8.01 18.16 -10.09
CA THR A 561 -8.62 18.61 -11.35
C THR A 561 -8.34 17.57 -12.43
N SER A 562 -9.30 17.40 -13.30
CA SER A 562 -9.16 16.57 -14.52
C SER A 562 -8.45 17.34 -15.62
N THR A 563 -7.32 16.81 -16.08
CA THR A 563 -6.49 17.51 -17.09
C THR A 563 -6.67 16.87 -18.47
N GLY A 564 -7.57 15.93 -18.62
CA GLY A 564 -7.91 15.37 -19.92
C GLY A 564 -8.01 13.88 -19.93
N THR A 565 -8.52 13.35 -21.03
CA THR A 565 -8.85 11.90 -21.15
C THR A 565 -8.16 11.30 -22.38
N GLU A 566 -7.08 11.91 -22.87
CA GLU A 566 -6.37 11.37 -24.03
C GLU A 566 -5.26 10.40 -23.60
N ASN A 567 -5.02 9.38 -24.44
CA ASN A 567 -3.84 8.49 -24.28
C ASN A 567 -3.84 7.80 -22.92
N LEU A 568 -5.02 7.38 -22.43
CA LEU A 568 -5.08 6.60 -21.14
C LEU A 568 -4.80 5.12 -21.43
N ASP A 569 -3.61 4.85 -21.95
CA ASP A 569 -3.27 3.51 -22.50
C ASP A 569 -3.33 2.49 -21.38
N GLY A 570 -4.01 1.38 -21.62
CA GLY A 570 -4.00 0.29 -20.64
C GLY A 570 -4.66 0.66 -19.31
N ILE A 571 -5.60 1.60 -19.33
CA ILE A 571 -6.27 2.08 -18.11
C ILE A 571 -7.02 0.93 -17.41
N TYR A 572 -7.50 -0.07 -18.15
CA TYR A 572 -7.95 -1.36 -17.61
C TYR A 572 -6.93 -2.41 -18.03
N ALA A 573 -6.21 -2.95 -17.06
CA ALA A 573 -5.00 -3.74 -17.33
C ALA A 573 -5.32 -5.10 -17.98
N ASP A 574 -4.44 -5.50 -18.90
CA ASP A 574 -4.37 -6.90 -19.35
C ASP A 574 -3.48 -7.68 -18.40
N ASP A 575 -3.15 -8.93 -18.78
CA ASP A 575 -2.35 -9.80 -17.91
C ASP A 575 -0.83 -9.65 -18.13
N SER A 576 -0.39 -8.62 -18.84
CA SER A 576 1.04 -8.43 -19.17
C SER A 576 1.85 -8.09 -17.91
N ARG A 577 3.11 -8.48 -17.97
CA ARG A 577 4.16 -8.07 -17.02
C ARG A 577 4.33 -6.57 -17.20
N GLY A 578 4.16 -5.80 -16.15
CA GLY A 578 4.21 -4.33 -16.25
C GLY A 578 2.86 -3.70 -16.49
N GLY A 579 1.79 -4.48 -16.58
CA GLY A 579 0.44 -3.93 -16.90
C GLY A 579 -0.16 -3.13 -15.77
N HIS A 580 0.44 -3.09 -14.60
CA HIS A 580 -0.06 -2.25 -13.48
C HIS A 580 0.40 -0.79 -13.62
N ILE A 581 1.29 -0.49 -14.56
CA ILE A 581 1.91 0.84 -14.70
C ILE A 581 1.18 1.60 -15.81
N ALA A 582 0.99 2.89 -15.59
CA ALA A 582 0.39 3.83 -16.57
C ALA A 582 1.44 4.21 -17.63
N HIS A 583 1.51 3.43 -18.71
CA HIS A 583 2.55 3.56 -19.75
C HIS A 583 2.19 4.53 -20.87
N GLY A 584 1.00 5.10 -20.81
CA GLY A 584 0.55 6.11 -21.76
C GLY A 584 1.44 7.35 -21.79
N ARG A 585 1.33 8.14 -22.86
CA ARG A 585 2.16 9.34 -23.09
C ARG A 585 2.22 10.22 -21.86
N GLN A 586 3.41 10.73 -21.57
CA GLN A 586 3.62 11.72 -20.50
CA GLN A 586 3.54 11.73 -20.48
C GLN A 586 3.31 13.13 -21.05
N THR A 587 2.50 13.90 -20.34
CA THR A 587 2.16 15.28 -20.74
C THR A 587 3.27 16.16 -20.20
N PRO A 588 3.95 16.96 -21.07
CA PRO A 588 4.89 17.92 -20.56
C PRO A 588 4.24 18.79 -19.48
N LEU A 589 5.00 19.11 -18.46
CA LEU A 589 4.44 19.91 -17.35
CA LEU A 589 4.47 19.93 -17.33
C LEU A 589 4.06 21.31 -17.84
N GLN A 590 4.68 21.81 -18.92
CA GLN A 590 4.29 23.18 -19.34
C GLN A 590 2.89 23.16 -19.95
N GLU A 591 2.28 22.00 -20.15
CA GLU A 591 0.91 21.94 -20.70
C GLU A 591 -0.12 21.81 -19.56
N ILE A 592 0.33 21.65 -18.34
CA ILE A 592 -0.55 21.42 -17.16
C ILE A 592 -0.66 22.76 -16.44
N PRO A 593 -1.85 23.10 -15.94
CA PRO A 593 -2.00 24.37 -15.20
C PRO A 593 -0.99 24.54 -14.07
N MET A 594 -0.28 25.65 -14.14
CA MET A 594 0.67 26.11 -13.10
C MET A 594 0.07 27.32 -12.43
N LEU A 595 0.13 27.33 -11.10
CA LEU A 595 -0.49 28.41 -10.31
C LEU A 595 0.48 29.55 -10.17
N ILE A 596 0.07 30.75 -10.59
CA ILE A 596 0.95 31.91 -10.55
C ILE A 596 0.61 32.74 -9.34
N GLY A 597 1.61 33.05 -8.54
CA GLY A 597 1.45 33.92 -7.38
C GLY A 597 1.95 33.27 -6.12
N ASN A 598 1.72 33.94 -5.02
CA ASN A 598 2.13 33.47 -3.71
C ASN A 598 1.10 32.52 -3.12
N PRO A 599 1.57 31.58 -2.27
CA PRO A 599 0.64 30.62 -1.70
C PRO A 599 -0.60 31.14 -0.96
N ASP A 600 -0.53 32.22 -0.19
CA ASP A 600 -1.79 32.77 0.43
C ASP A 600 -2.80 33.25 -0.63
N SER A 601 -2.34 33.96 -1.64
CA SER A 601 -3.24 34.38 -2.77
C SER A 601 -3.85 33.15 -3.44
N ILE A 602 -3.01 32.15 -3.66
CA ILE A 602 -3.49 30.92 -4.36
C ILE A 602 -4.57 30.27 -3.49
N ARG A 603 -4.32 30.11 -2.20
CA ARG A 603 -5.33 29.48 -1.32
C ARG A 603 -6.65 30.26 -1.38
N HIS A 604 -6.58 31.59 -1.36
CA HIS A 604 -7.79 32.43 -1.33
C HIS A 604 -8.54 32.39 -2.66
N SER A 605 -7.91 31.90 -3.73
CA SER A 605 -8.49 31.93 -5.09
C SER A 605 -9.34 30.70 -5.39
N LEU A 606 -9.40 29.75 -4.46
CA LEU A 606 -10.26 28.58 -4.63
C LEU A 606 -11.63 28.84 -4.01
N HIS A 607 -12.71 28.75 -4.79
CA HIS A 607 -14.07 29.11 -4.33
C HIS A 607 -14.96 27.88 -4.40
N LYS A 608 -15.74 27.65 -3.34
CA LYS A 608 -16.66 26.51 -3.30
C LYS A 608 -17.85 26.84 -4.22
N LEU A 609 -18.22 25.92 -5.10
CA LEU A 609 -19.42 25.98 -5.97
C LEU A 609 -20.67 25.53 -5.20
N SER A 610 -21.84 26.04 -5.57
CA SER A 610 -23.07 25.67 -4.84
C SER A 610 -23.41 24.24 -5.31
N GLY A 611 -24.25 23.52 -4.60
CA GLY A 611 -24.48 22.11 -4.98
C GLY A 611 -24.29 21.17 -3.80
N SER A 612 -24.95 20.02 -3.86
CA SER A 612 -24.97 19.02 -2.77
C SER A 612 -23.65 18.23 -2.74
N LYS A 613 -22.82 18.25 -3.79
CA LYS A 613 -21.50 17.59 -3.81
C LYS A 613 -20.36 18.62 -3.80
N LEU A 614 -19.25 18.27 -3.18
CA LEU A 614 -18.05 19.14 -3.14
C LEU A 614 -17.56 19.42 -4.57
N ALA A 615 -17.40 20.69 -4.86
CA ALA A 615 -16.80 21.17 -6.11
C ALA A 615 -16.35 22.62 -5.92
N PHE A 616 -15.25 22.95 -6.55
CA PHE A 616 -14.54 24.23 -6.40
C PHE A 616 -14.08 24.75 -7.75
N SER A 617 -14.07 26.06 -7.89
CA SER A 617 -13.44 26.74 -9.04
C SER A 617 -12.16 27.40 -8.55
N TYR A 618 -11.11 27.30 -9.33
CA TYR A 618 -9.87 28.05 -9.11
C TYR A 618 -9.94 29.29 -9.96
N ASP A 619 -9.99 30.46 -9.32
CA ASP A 619 -10.26 31.74 -9.99
C ASP A 619 -9.03 32.63 -10.07
N GLY A 620 -7.84 32.12 -9.86
CA GLY A 620 -6.60 32.87 -9.99
C GLY A 620 -5.96 32.63 -11.34
N ASN A 621 -4.85 33.30 -11.53
CA ASN A 621 -4.07 33.17 -12.78
C ASN A 621 -3.44 31.78 -12.86
N VAL A 622 -3.72 31.09 -13.98
CA VAL A 622 -3.14 29.78 -14.32
C VAL A 622 -2.42 29.93 -15.63
N TYR A 623 -1.30 29.29 -15.75
CA TYR A 623 -0.50 29.26 -16.99
C TYR A 623 -0.26 27.81 -17.39
N PRO A 624 -0.61 27.36 -18.61
CA PRO A 624 -1.35 28.11 -19.62
C PRO A 624 -2.84 28.16 -19.23
N THR A 625 -3.60 29.13 -19.70
CA THR A 625 -5.05 29.26 -19.37
C THR A 625 -5.78 28.13 -20.12
N GLN A 626 -6.82 27.56 -19.55
CA GLN A 626 -7.48 26.33 -20.11
C GLN A 626 -8.60 26.78 -21.07
N SER A 630 -11.52 28.51 -16.29
CA SER A 630 -11.33 28.33 -14.83
C SER A 630 -11.26 26.83 -14.46
N LEU A 631 -10.28 26.44 -13.68
CA LEU A 631 -10.15 25.03 -13.32
C LEU A 631 -11.28 24.66 -12.38
N GLU A 632 -11.82 23.46 -12.53
CA GLU A 632 -12.78 22.88 -11.58
C GLU A 632 -12.03 21.78 -10.80
N LEU A 633 -12.14 21.80 -9.47
CA LEU A 633 -11.59 20.77 -8.58
C LEU A 633 -12.72 20.06 -7.86
N ILE A 634 -12.56 18.75 -7.77
CA ILE A 634 -13.48 17.83 -7.08
C ILE A 634 -12.64 16.96 -6.18
N PRO A 635 -13.28 16.19 -5.27
CA PRO A 635 -12.50 15.28 -4.42
C PRO A 635 -11.77 14.29 -5.33
N PHE A 636 -10.52 14.05 -5.01
CA PHE A 636 -9.70 13.07 -5.74
C PHE A 636 -10.35 11.68 -5.74
N PHE A 637 -11.02 11.27 -4.65
CA PHE A 637 -11.62 9.94 -4.60
C PHE A 637 -12.71 9.74 -5.67
N ARG A 638 -13.27 10.85 -6.14
CA ARG A 638 -14.31 10.83 -7.19
C ARG A 638 -13.75 11.00 -8.60
N LEU A 639 -12.46 11.21 -8.74
CA LEU A 639 -11.85 11.48 -10.06
C LEU A 639 -11.31 10.17 -10.62
N HIS A 640 -11.97 9.68 -11.64
CA HIS A 640 -11.66 8.40 -12.28
C HIS A 640 -11.66 8.55 -13.82
N ASN A 641 -10.95 7.62 -14.43
CA ASN A 641 -10.94 7.47 -15.92
C ASN A 641 -10.48 8.78 -16.57
N SER A 642 -9.48 9.44 -16.02
CA SER A 642 -8.96 10.73 -16.51
C SER A 642 -7.56 10.95 -15.97
N ARG A 643 -6.81 11.77 -16.67
CA ARG A 643 -5.60 12.38 -16.11
C ARG A 643 -6.02 13.43 -15.10
N TYR A 644 -5.09 13.75 -14.20
CA TYR A 644 -5.40 14.64 -13.07
C TYR A 644 -4.14 15.31 -12.57
N ALA A 645 -4.37 16.41 -11.86
CA ALA A 645 -3.37 16.99 -10.96
C ALA A 645 -3.94 17.05 -9.56
N VAL A 646 -3.13 16.56 -8.61
CA VAL A 646 -3.37 16.74 -7.16
C VAL A 646 -2.43 17.86 -6.67
N TYR A 647 -1.14 17.61 -6.78
CA TYR A 647 -0.16 18.68 -6.64
C TYR A 647 -0.09 19.48 -7.94
N PHE A 648 -0.07 20.80 -7.82
CA PHE A 648 0.14 21.76 -8.94
C PHE A 648 1.50 22.41 -8.70
N ARG A 649 2.24 22.54 -9.80
CA ARG A 649 3.42 23.44 -9.82
C ARG A 649 2.97 24.88 -9.57
N GLN A 650 3.73 25.56 -8.72
CA GLN A 650 3.53 26.98 -8.38
C GLN A 650 4.73 27.79 -8.87
N ALA A 651 4.45 29.03 -9.28
CA ALA A 651 5.47 30.00 -9.73
C ALA A 651 5.12 31.36 -9.14
N SER A 652 6.11 31.98 -8.52
CA SER A 652 6.01 33.41 -8.14
C SER A 652 5.98 34.24 -9.41
N GLU A 653 5.41 35.40 -9.30
CA GLU A 653 5.43 36.37 -10.44
C GLU A 653 6.88 36.74 -10.81
N GLU A 654 7.75 36.82 -9.81
CA GLU A 654 9.16 37.22 -10.05
CA GLU A 654 9.18 37.21 -10.01
C GLU A 654 9.91 36.08 -10.76
N GLN A 655 9.67 34.82 -10.37
CA GLN A 655 10.49 33.70 -10.89
C GLN A 655 9.80 33.09 -12.13
N PHE A 656 8.62 33.56 -12.52
CA PHE A 656 7.89 32.94 -13.63
C PHE A 656 8.79 32.73 -14.88
N LYS A 657 9.49 33.77 -15.31
CA LYS A 657 10.26 33.66 -16.59
C LYS A 657 11.28 32.50 -16.54
N THR A 658 12.03 32.39 -15.47
CA THR A 658 13.04 31.33 -15.33
C THR A 658 12.38 29.98 -15.14
N ILE A 659 11.27 29.92 -14.41
CA ILE A 659 10.57 28.63 -14.22
C ILE A 659 9.99 28.15 -15.55
N GLN A 660 9.34 29.05 -16.26
CA GLN A 660 8.71 28.64 -17.51
C GLN A 660 9.82 28.20 -18.49
N GLU A 661 10.99 28.84 -18.49
CA GLU A 661 12.05 28.53 -19.46
C GLU A 661 12.54 27.09 -19.16
N GLU A 662 12.68 26.74 -17.85
CA GLU A 662 13.13 25.36 -17.45
C GLU A 662 12.08 24.36 -17.90
N MET A 663 10.80 24.70 -17.78
CA MET A 663 9.70 23.77 -18.14
C MET A 663 9.63 23.61 -19.67
N ALA A 664 9.98 24.66 -20.39
CA ALA A 664 9.88 24.73 -21.87
C ALA A 664 11.07 24.05 -22.50
N THR A 665 12.15 23.83 -21.75
CA THR A 665 13.43 23.32 -22.31
C THR A 665 13.78 21.99 -21.64
N ALA A 666 14.44 22.00 -20.47
CA ALA A 666 14.87 20.75 -19.81
C ALA A 666 13.68 19.79 -19.53
N GLU A 667 12.58 20.27 -18.94
CA GLU A 667 11.46 19.33 -18.56
C GLU A 667 10.85 18.79 -19.87
N ARG A 668 10.65 19.65 -20.87
CA ARG A 668 10.06 19.22 -22.17
C ARG A 668 10.93 18.10 -22.73
N LYS A 669 12.25 18.27 -22.70
CA LYS A 669 13.18 17.30 -23.32
C LYS A 669 13.11 15.98 -22.53
N ALA A 670 12.98 16.02 -21.21
CA ALA A 670 12.89 14.79 -20.40
C ALA A 670 11.60 14.05 -20.80
N THR A 671 10.52 14.78 -20.95
CA THR A 671 9.23 14.22 -21.38
C THR A 671 9.36 13.62 -22.78
N GLU A 672 10.04 14.28 -23.72
CA GLU A 672 10.24 13.71 -25.07
C GLU A 672 10.98 12.36 -24.98
N LEU A 673 12.00 12.26 -24.13
CA LEU A 673 12.78 11.00 -23.95
C LEU A 673 11.83 9.93 -23.41
N ALA A 674 11.02 10.28 -22.40
CA ALA A 674 10.03 9.31 -21.85
C ALA A 674 9.11 8.85 -22.98
N ASN A 675 8.66 9.76 -23.84
CA ASN A 675 7.65 9.42 -24.86
C ASN A 675 8.22 8.67 -26.07
N ARG A 676 9.54 8.52 -26.17
CA ARG A 676 10.20 7.71 -27.19
C ARG A 676 10.59 6.38 -26.59
N THR A 677 10.31 6.13 -25.31
CA THR A 677 10.78 4.93 -24.62
C THR A 677 9.81 3.77 -24.92
N VAL A 678 10.35 2.66 -25.39
CA VAL A 678 9.65 1.40 -25.75
C VAL A 678 9.68 0.43 -24.56
N ASP A 679 10.80 0.37 -23.83
CA ASP A 679 10.92 -0.44 -22.60
C ASP A 679 11.94 0.19 -21.66
N LEU A 680 11.80 -0.11 -20.37
CA LEU A 680 12.53 0.55 -19.28
C LEU A 680 12.65 -0.44 -18.11
N ILE A 681 13.89 -0.63 -17.67
CA ILE A 681 14.21 -1.52 -16.54
C ILE A 681 15.04 -0.73 -15.54
N PHE A 682 14.72 -0.86 -14.25
CA PHE A 682 15.49 -0.31 -13.12
C PHE A 682 16.20 -1.43 -12.39
N PRO A 683 17.44 -1.77 -12.81
CA PRO A 683 18.14 -2.83 -12.13
C PRO A 683 18.26 -2.60 -10.62
N GLY A 684 18.15 -3.69 -9.84
CA GLY A 684 18.17 -3.64 -8.40
C GLY A 684 16.80 -3.34 -7.79
N GLU A 685 15.80 -3.00 -8.57
CA GLU A 685 14.39 -2.77 -8.08
C GLU A 685 13.58 -4.04 -8.38
N GLN A 686 13.07 -4.67 -7.35
CA GLN A 686 12.49 -6.02 -7.49
C GLN A 686 11.43 -6.12 -8.57
N GLN A 687 10.44 -5.24 -8.61
CA GLN A 687 9.30 -5.47 -9.50
C GLN A 687 9.73 -5.20 -10.94
N PRO A 688 10.49 -4.13 -11.26
CA PRO A 688 10.99 -3.98 -12.63
C PRO A 688 11.81 -5.19 -13.09
N GLU A 689 12.62 -5.76 -12.18
CA GLU A 689 13.44 -6.92 -12.56
C GLU A 689 12.54 -8.13 -12.81
N SER A 690 11.57 -8.33 -11.92
CA SER A 690 10.66 -9.49 -12.02
CA SER A 690 10.64 -9.48 -12.01
C SER A 690 9.83 -9.36 -13.30
N ASP A 691 9.32 -8.16 -13.59
CA ASP A 691 8.52 -7.94 -14.82
C ASP A 691 9.35 -8.20 -16.07
N HIS A 692 10.66 -8.16 -15.98
CA HIS A 692 11.53 -8.38 -17.14
C HIS A 692 12.34 -9.70 -16.97
N SER A 693 11.84 -10.65 -16.20
CA SER A 693 12.36 -12.03 -16.15
C SER A 693 13.86 -12.05 -15.85
N ILE A 694 14.28 -11.28 -14.86
CA ILE A 694 15.66 -11.23 -14.34
C ILE A 694 16.20 -12.66 -14.16
N GLN A 695 17.40 -12.91 -14.68
CA GLN A 695 18.19 -14.14 -14.43
CA GLN A 695 18.18 -14.13 -14.34
C GLN A 695 19.61 -13.67 -14.09
N TYR A 696 20.37 -14.40 -13.31
CA TYR A 696 21.75 -13.98 -13.02
C TYR A 696 22.57 -15.14 -12.48
N GLU A 697 23.89 -14.93 -12.52
CA GLU A 697 24.92 -15.79 -11.91
C GLU A 697 25.91 -14.81 -11.28
N ALA A 698 26.21 -15.00 -10.00
CA ALA A 698 27.29 -14.25 -9.30
C ALA A 698 27.03 -12.76 -9.43
N SER A 699 25.90 -12.32 -8.89
CA SER A 699 25.40 -10.94 -9.09
C SER A 699 25.17 -10.27 -7.74
N GLU A 700 25.29 -8.95 -7.69
CA GLU A 700 24.84 -8.22 -6.50
C GLU A 700 24.06 -6.97 -6.91
N THR A 701 23.26 -6.46 -5.99
CA THR A 701 22.51 -5.20 -6.14
C THR A 701 22.92 -4.24 -5.04
N GLY A 702 22.54 -2.97 -5.24
CA GLY A 702 22.79 -1.95 -4.22
C GLY A 702 22.22 -0.65 -4.60
N THR A 703 22.59 0.37 -3.85
CA THR A 703 22.17 1.76 -4.08
C THR A 703 23.42 2.61 -4.02
N HIS A 704 23.45 3.62 -4.87
CA HIS A 704 24.45 4.70 -4.85
C HIS A 704 23.74 5.99 -5.22
N LYS A 705 23.90 7.02 -4.41
CA LYS A 705 23.34 8.36 -4.70
C LYS A 705 21.87 8.16 -5.06
N ASP A 706 21.18 7.32 -4.26
CA ASP A 706 19.70 7.17 -4.29
C ASP A 706 19.22 6.35 -5.50
N ARG A 707 20.13 5.82 -6.32
CA ARG A 707 19.76 5.03 -7.52
C ARG A 707 20.18 3.57 -7.28
N HIS A 708 19.31 2.65 -7.60
CA HIS A 708 19.61 1.21 -7.50
C HIS A 708 20.38 0.72 -8.72
N PHE A 709 21.23 -0.28 -8.48
CA PHE A 709 21.93 -0.95 -9.57
C PHE A 709 21.94 -2.47 -9.42
N ARG A 710 22.29 -3.11 -10.52
CA ARG A 710 22.78 -4.50 -10.47
C ARG A 710 24.13 -4.56 -11.18
N ARG A 711 24.97 -5.46 -10.73
CA ARG A 711 26.22 -5.84 -11.44
C ARG A 711 26.47 -7.31 -11.21
N ALA A 712 27.34 -7.88 -12.00
CA ALA A 712 27.69 -9.29 -11.83
C ALA A 712 29.14 -9.60 -12.20
N LYS A 713 29.68 -10.61 -11.54
CA LYS A 713 30.97 -11.25 -11.92
C LYS A 713 30.70 -12.36 -12.93
N GLY A 714 29.48 -12.89 -12.95
CA GLY A 714 29.05 -13.91 -13.91
C GLY A 714 28.31 -13.24 -15.04
N TRP A 715 27.04 -12.96 -14.82
CA TRP A 715 26.20 -12.31 -15.84
C TRP A 715 24.85 -11.99 -15.22
N PHE A 716 24.13 -11.09 -15.82
CA PHE A 716 22.69 -10.90 -15.51
C PHE A 716 21.96 -10.59 -16.81
N SER A 717 20.70 -10.96 -16.86
CA SER A 717 19.89 -10.83 -18.09
C SER A 717 18.45 -10.43 -17.75
N TYR A 718 17.84 -9.79 -18.72
CA TYR A 718 16.40 -9.47 -18.74
C TYR A 718 15.86 -9.83 -20.13
N ASN A 719 14.54 -9.92 -20.24
CA ASN A 719 13.87 -9.84 -21.54
C ASN A 719 13.33 -8.43 -21.70
N LEU A 720 13.62 -7.83 -22.85
CA LEU A 720 13.03 -6.55 -23.28
C LEU A 720 11.73 -6.87 -24.01
N LYS A 721 10.67 -6.12 -23.72
CA LYS A 721 9.34 -6.27 -24.34
C LYS A 721 9.24 -5.14 -25.36
N ILE A 722 9.13 -5.49 -26.62
CA ILE A 722 9.29 -4.53 -27.73
C ILE A 722 7.92 -4.40 -28.41
N LYS A 723 7.12 -3.42 -27.98
CA LYS A 723 5.76 -3.16 -28.50
C LYS A 723 5.83 -2.45 -29.86
N GLU A 724 6.90 -1.69 -30.11
CA GLU A 724 7.15 -0.92 -31.34
C GLU A 724 8.64 -1.10 -31.66
N GLU A 725 9.02 -1.09 -32.93
CA GLU A 725 10.44 -1.29 -33.30
C GLU A 725 11.32 -0.26 -32.59
N ALA A 726 12.46 -0.70 -32.11
CA ALA A 726 13.40 0.09 -31.32
C ALA A 726 14.71 0.24 -32.10
N SER A 727 15.27 1.43 -31.94
CA SER A 727 16.49 1.94 -32.64
C SER A 727 17.70 2.16 -31.74
N GLN A 728 17.48 2.43 -30.44
CA GLN A 728 18.56 2.92 -29.55
C GLN A 728 18.43 2.24 -28.19
N LEU A 729 19.57 1.86 -27.60
CA LEU A 729 19.62 1.34 -26.24
C LEU A 729 20.43 2.33 -25.41
N MET A 730 19.90 2.74 -24.26
CA MET A 730 20.56 3.66 -23.35
C MET A 730 20.80 2.94 -22.04
N ILE A 731 22.06 2.92 -21.61
CA ILE A 731 22.52 2.28 -20.34
C ILE A 731 23.03 3.39 -19.43
N THR A 732 22.55 3.45 -18.20
CA THR A 732 23.09 4.42 -17.22
C THR A 732 24.10 3.75 -16.29
N VAL A 733 25.28 4.32 -16.20
CA VAL A 733 26.39 3.84 -15.35
C VAL A 733 26.97 5.05 -14.61
N ARG A 734 27.94 4.83 -13.75
CA ARG A 734 28.66 5.93 -13.06
C ARG A 734 29.96 6.17 -13.84
N GLN A 735 30.30 7.44 -14.06
CA GLN A 735 31.53 7.80 -14.79
C GLN A 735 32.76 7.13 -14.14
N GLU A 736 32.80 7.10 -12.81
CA GLU A 736 33.99 6.68 -12.01
C GLU A 736 34.13 5.15 -11.98
N ASP A 737 33.13 4.42 -12.41
CA ASP A 737 33.18 2.95 -12.39
C ASP A 737 34.14 2.49 -13.49
N ARG A 738 35.17 1.72 -13.16
CA ARG A 738 36.13 1.24 -14.16
C ARG A 738 35.66 -0.11 -14.73
N ASN A 739 34.62 -0.70 -14.15
CA ASN A 739 34.13 -1.98 -14.68
C ASN A 739 33.35 -1.70 -15.96
N LYS A 740 33.36 -2.65 -16.88
CA LYS A 740 32.71 -2.52 -18.21
C LYS A 740 31.85 -3.78 -18.46
N ALA A 741 30.76 -3.59 -19.15
CA ALA A 741 29.89 -4.67 -19.57
C ALA A 741 29.97 -4.90 -21.08
N VAL A 742 30.04 -6.18 -21.42
CA VAL A 742 29.61 -6.67 -22.75
C VAL A 742 28.10 -6.75 -22.70
N ILE A 743 27.45 -6.34 -23.78
CA ILE A 743 25.99 -6.43 -23.96
C ILE A 743 25.70 -7.39 -25.12
N LEU A 744 24.93 -8.44 -24.82
CA LEU A 744 24.38 -9.34 -25.86
C LEU A 744 22.88 -9.08 -26.02
N LEU A 745 22.41 -8.95 -27.25
CA LEU A 745 20.99 -8.84 -27.60
C LEU A 745 20.59 -10.07 -28.39
N ASN A 746 19.75 -10.93 -27.79
CA ASN A 746 19.45 -12.27 -28.39
C ASN A 746 20.77 -12.97 -28.75
N ASN A 747 21.70 -12.94 -27.81
CA ASN A 747 23.03 -13.64 -27.82
C ASN A 747 23.95 -13.11 -28.93
N GLU A 748 23.65 -11.96 -29.53
CA GLU A 748 24.54 -11.29 -30.52
C GLU A 748 25.20 -10.12 -29.80
N LYS A 749 26.51 -10.10 -29.75
CA LYS A 749 27.26 -9.01 -29.07
C LYS A 749 27.02 -7.65 -29.76
N LEU A 750 26.71 -6.65 -28.94
CA LEU A 750 26.56 -5.27 -29.43
C LEU A 750 27.95 -4.65 -29.51
N THR A 751 28.40 -4.37 -30.74
CA THR A 751 29.77 -3.90 -31.01
C THR A 751 29.77 -2.44 -31.44
N VAL A 752 28.63 -1.83 -31.74
CA VAL A 752 28.58 -0.38 -32.12
C VAL A 752 29.16 0.39 -30.93
N HIS A 753 29.80 1.52 -31.26
CA HIS A 753 30.43 2.41 -30.27
C HIS A 753 29.30 3.25 -29.71
N PRO A 754 29.12 3.30 -28.37
CA PRO A 754 28.12 4.20 -27.80
C PRO A 754 28.57 5.66 -27.82
N THR A 755 27.60 6.57 -27.89
CA THR A 755 27.85 7.97 -27.53
C THR A 755 27.72 8.09 -26.04
N VAL A 756 28.47 8.98 -25.44
CA VAL A 756 28.54 9.07 -23.96
C VAL A 756 28.13 10.47 -23.57
N SER A 757 27.10 10.61 -22.75
CA SER A 757 26.57 11.90 -22.24
C SER A 757 27.56 12.53 -21.29
N LYS A 758 27.41 13.85 -21.05
CA LYS A 758 28.09 14.57 -19.94
C LYS A 758 27.60 13.90 -18.64
N ALA A 759 28.44 13.83 -17.60
CA ALA A 759 28.06 13.36 -16.25
C ALA A 759 27.03 14.33 -15.67
N ASP A 760 26.02 13.82 -14.97
CA ASP A 760 25.08 14.68 -14.21
C ASP A 760 25.72 15.08 -12.87
N LYS A 761 25.00 15.88 -12.07
CA LYS A 761 25.34 16.37 -10.68
C LYS A 761 25.89 15.21 -9.86
N ASP A 762 25.36 13.99 -10.04
CA ASP A 762 25.70 12.87 -9.14
C ASP A 762 26.73 11.93 -9.76
N GLY A 763 27.26 12.22 -10.96
CA GLY A 763 28.34 11.43 -11.61
C GLY A 763 27.83 10.31 -12.49
N PHE A 764 26.55 10.33 -12.84
CA PHE A 764 25.96 9.31 -13.74
C PHE A 764 26.10 9.79 -15.18
N ILE A 765 26.39 8.85 -16.09
CA ILE A 765 26.45 9.04 -17.56
C ILE A 765 25.53 8.04 -18.22
N ARG A 766 25.09 8.41 -19.43
CA ARG A 766 24.31 7.50 -20.30
C ARG A 766 25.20 7.08 -21.46
N LEU A 767 25.21 5.77 -21.73
CA LEU A 767 25.79 5.20 -22.93
C LEU A 767 24.64 4.95 -23.90
N CYS A 768 24.71 5.53 -25.09
N CYS A 768 24.67 5.58 -25.07
CA CYS A 768 23.64 5.47 -26.11
CA CYS A 768 23.59 5.44 -26.07
C CYS A 768 24.14 4.72 -27.35
C CYS A 768 24.15 4.70 -27.30
N TYR A 769 23.61 3.53 -27.53
CA TYR A 769 23.97 2.64 -28.63
C TYR A 769 22.92 2.79 -29.72
N LEU A 770 23.36 3.17 -30.91
CA LEU A 770 22.48 3.15 -32.11
C LEU A 770 22.56 1.74 -32.69
N LEU A 771 21.47 0.99 -32.55
CA LEU A 771 21.48 -0.46 -32.90
C LEU A 771 21.73 -0.57 -34.41
N PRO A 772 22.54 -1.57 -34.83
CA PRO A 772 22.89 -1.72 -36.25
C PRO A 772 21.66 -2.03 -37.11
N ARG A 773 20.67 -2.69 -36.50
CA ARG A 773 19.39 -3.14 -37.13
C ARG A 773 18.29 -2.77 -36.11
N LYS A 774 17.15 -2.21 -36.53
CA LYS A 774 16.01 -1.99 -35.62
C LYS A 774 15.65 -3.35 -35.00
N LEU A 775 15.28 -3.40 -33.70
CA LEU A 775 14.69 -4.60 -33.07
C LEU A 775 13.21 -4.74 -33.45
N LYS A 776 12.86 -5.93 -33.95
CA LYS A 776 11.50 -6.43 -34.28
C LYS A 776 10.59 -6.38 -33.07
N VAL A 777 9.30 -6.16 -33.32
CA VAL A 777 8.28 -6.30 -32.25
C VAL A 777 8.38 -7.73 -31.70
N GLY A 778 8.25 -7.85 -30.39
CA GLY A 778 8.33 -9.16 -29.72
C GLY A 778 9.12 -8.98 -28.45
N SER A 779 9.99 -9.94 -28.17
CA SER A 779 10.80 -10.03 -26.95
C SER A 779 12.26 -10.16 -27.42
N CYS A 780 13.20 -9.61 -26.66
CA CYS A 780 14.63 -9.74 -26.97
C CYS A 780 15.36 -9.88 -25.65
N GLU A 781 16.17 -10.92 -25.49
CA GLU A 781 17.03 -11.04 -24.29
C GLU A 781 18.12 -9.96 -24.37
N ILE A 782 18.37 -9.31 -23.24
CA ILE A 782 19.55 -8.47 -23.04
C ILE A 782 20.39 -9.11 -21.96
N LEU A 783 21.67 -9.34 -22.24
CA LEU A 783 22.55 -9.99 -21.25
C LEU A 783 23.80 -9.14 -21.08
N PHE A 784 24.17 -8.91 -19.83
CA PHE A 784 25.36 -8.15 -19.40
C PHE A 784 26.39 -9.11 -18.78
N LYS A 785 27.61 -9.09 -19.28
CA LYS A 785 28.70 -9.89 -18.67
C LYS A 785 29.96 -9.07 -18.65
N PRO A 786 30.93 -9.37 -17.76
CA PRO A 786 32.12 -8.54 -17.66
C PRO A 786 32.91 -8.45 -18.96
N ASP A 787 33.42 -7.27 -19.25
CA ASP A 787 34.24 -7.02 -20.46
C ASP A 787 35.69 -6.86 -20.02
N GLY A 788 36.32 -7.97 -19.67
CA GLY A 788 37.70 -7.99 -19.15
C GLY A 788 37.84 -7.62 -17.68
N THR A 789 36.99 -6.75 -17.16
CA THR A 789 37.05 -6.27 -15.78
C THR A 789 36.47 -7.36 -14.85
N GLU A 790 36.65 -7.18 -13.56
CA GLU A 790 36.16 -8.19 -12.57
C GLU A 790 34.64 -8.25 -12.62
N TRP A 791 33.98 -7.09 -12.71
CA TRP A 791 32.51 -7.01 -12.75
C TRP A 791 32.07 -6.43 -14.09
N THR A 792 30.78 -6.59 -14.39
CA THR A 792 30.11 -5.64 -15.28
C THR A 792 30.20 -4.25 -14.67
N SER A 793 30.00 -3.22 -15.49
CA SER A 793 29.56 -1.93 -14.92
C SER A 793 28.32 -2.18 -14.02
N ALA A 794 28.18 -1.39 -12.98
CA ALA A 794 26.93 -1.31 -12.21
C ALA A 794 25.94 -0.56 -13.10
N VAL A 795 24.84 -1.20 -13.43
CA VAL A 795 23.86 -0.62 -14.36
C VAL A 795 22.70 -0.11 -13.51
N TYR A 796 22.39 1.16 -13.69
CA TYR A 796 21.35 1.87 -12.92
C TYR A 796 20.04 2.06 -13.71
N GLU A 797 20.07 1.87 -15.01
CA GLU A 797 18.88 2.01 -15.86
C GLU A 797 19.18 1.37 -17.20
N VAL A 798 18.19 0.70 -17.78
CA VAL A 798 18.22 0.15 -19.14
C VAL A 798 16.98 0.69 -19.84
N ARG A 799 17.21 1.44 -20.90
CA ARG A 799 16.13 2.12 -21.65
C ARG A 799 16.25 1.80 -23.12
N LEU A 800 15.17 1.30 -23.70
CA LEU A 800 15.07 1.01 -25.14
C LEU A 800 14.19 2.08 -25.78
N LEU A 801 14.64 2.66 -26.89
CA LEU A 801 14.02 3.89 -27.48
C LEU A 801 13.74 3.64 -28.96
N LYS A 802 12.71 4.30 -29.44
CA LYS A 802 12.45 4.48 -30.89
C LYS A 802 13.05 5.84 -31.31
C2 PEG B . 5.75 -28.35 18.81
O2 PEG B . 6.26 -28.28 17.50
C3 PEG B . 5.50 -28.97 16.51
C4 PEG B . 5.84 -28.49 15.17
O4 PEG B . 6.74 -29.20 14.40
H22 PEG B . 4.80 -28.75 18.76
H31 PEG B . 4.54 -28.83 16.69
H32 PEG B . 5.69 -29.94 16.58
H41 PEG B . 6.17 -27.58 15.26
H42 PEG B . 5.00 -28.44 14.67
HO4 PEG B . 7.23 -29.66 14.91
C1 PEG C . -16.87 -23.41 -7.63
O1 PEG C . -17.79 -23.89 -8.53
C2 PEG C . -17.46 -22.33 -6.86
O2 PEG C . -17.86 -22.85 -5.59
C3 PEG C . -18.70 -21.92 -4.93
C4 PEG C . -20.12 -22.22 -5.35
O4 PEG C . -20.82 -21.05 -5.63
H11 PEG C . -16.08 -23.08 -8.11
H12 PEG C . -16.59 -24.13 -7.03
HO1 PEG C . -17.17 -24.48 -8.86
H21 PEG C . -18.23 -21.97 -7.33
H22 PEG C . -16.80 -21.62 -6.73
H31 PEG C . -18.46 -21.01 -5.16
H32 PEG C . -18.61 -22.03 -3.95
H41 PEG C . -20.56 -22.70 -4.64
H42 PEG C . -20.10 -22.78 -6.15
HO4 PEG C . -20.76 -20.52 -4.98
C1 PGE D . -9.54 6.89 33.49
O1 PGE D . -8.63 7.89 34.02
C2 PGE D . -10.11 7.30 32.19
O2 PGE D . -10.88 6.27 31.57
C3 PGE D . -11.32 6.56 30.22
C4 PGE D . -11.91 7.90 30.16
O4 PGE D . -13.66 11.61 29.63
C6 PGE D . -12.81 10.52 29.29
C5 PGE D . -13.53 9.19 29.04
O3 PGE D . -12.56 8.14 28.92
H1 PGE D . -10.26 6.74 34.14
H12 PGE D . -9.05 6.04 33.39
HO1 PGE D . -8.33 7.70 34.71
H2 PGE D . -9.39 7.56 31.58
H22 PGE D . -10.68 8.08 32.33
H3 PGE D . -11.97 5.89 29.94
H32 PGE D . -10.54 6.51 29.63
H4 PGE D . -11.20 8.57 30.27
H42 PGE D . -12.55 8.00 30.89
HO4 PGE D . -14.42 11.54 29.17
H6 PGE D . -12.16 10.40 30.03
H62 PGE D . -12.29 10.75 28.49
H5 PGE D . -14.05 9.26 28.22
H52 PGE D . -14.14 9.01 29.79
O1' PJ5 E . 5.11 -3.98 -2.71
C1' PJ5 E . 4.15 -5.02 -2.88
C6' PJ5 E . 3.91 -5.38 -4.36
C2' PJ5 E . 4.73 -6.28 -2.26
O2' PJ5 E . 5.26 -6.10 -0.96
C3' PJ5 E . 5.70 -6.80 -3.30
O3' PJ5 E . 6.11 -8.20 -3.12
C4' PJ5 E . 4.93 -6.58 -4.60
C5' PJ5 E . 5.88 -6.28 -5.76
O5' PJ5 E . 7.11 -5.74 -5.47
HA PJ5 E . 4.78 -3.16 -3.08
H1' PJ5 E . 3.20 -4.77 -2.39
H6' PJ5 E . 4.16 -4.53 -4.98
H6'1 PJ5 E . 2.88 -5.66 -4.53
H2' PJ5 E . 3.92 -7.01 -2.19
HB PJ5 E . 4.56 -5.79 -0.38
H3' PJ5 E . 6.59 -6.15 -3.29
HC PJ5 E . 6.59 -8.29 -2.29
H4' PJ5 E . 4.36 -7.49 -4.83
H5'1 PJ5 E . 5.38 -5.64 -6.48
H5'2 PJ5 E . 6.06 -7.24 -6.26
H5' PJ5 E . 7.00 -4.82 -5.20
O1 MES F . 15.25 -22.41 17.83
C2 MES F . 15.13 -23.65 17.17
C3 MES F . 16.44 -24.39 17.13
N4 MES F . 17.60 -23.45 17.35
C5 MES F . 17.47 -22.80 18.70
C6 MES F . 16.02 -22.53 19.01
C7 MES F . 18.91 -24.15 17.18
C8 MES F . 19.14 -24.59 15.75
S MES F . 20.72 -25.35 15.51
O1S MES F . 21.34 -25.36 16.80
O2S MES F . 20.46 -26.68 15.03
O3S MES F . 21.42 -24.52 14.55
H21 MES F . 14.47 -24.20 17.62
H22 MES F . 14.83 -23.50 16.25
H31 MES F . 16.55 -24.82 16.27
H32 MES F . 16.46 -25.08 17.82
HN4 MES F . 17.54 -22.79 16.72
H51 MES F . 17.97 -21.98 18.70
H52 MES F . 17.85 -23.40 19.37
H61 MES F . 15.66 -23.26 19.55
H62 MES F . 15.95 -21.71 19.52
H71 MES F . 18.92 -24.95 17.81
H72 MES F . 19.63 -23.51 17.48
H81 MES F . 19.08 -23.83 15.15
H82 MES F . 18.46 -25.23 15.47
C FMT G . 10.22 23.09 -8.00
O1 FMT G . 10.96 22.43 -8.71
O2 FMT G . 10.55 23.56 -6.82
H FMT G . 9.34 23.27 -8.30
HO2 FMT G . 11.55 23.53 -6.66
C FMT H . 22.50 -12.35 6.10
O1 FMT H . 22.17 -11.85 7.18
O2 FMT H . 23.73 -12.63 5.62
H FMT H . 21.80 -12.57 5.50
HO2 FMT H . 24.39 -12.53 6.29
C FMT I . 6.39 13.99 -26.76
O1 FMT I . 7.03 13.92 -27.80
O2 FMT I . 6.73 14.70 -25.68
H FMT I . 5.57 13.49 -26.69
HO2 FMT I . 7.60 15.15 -25.77
C FMT J . 17.33 -11.28 -6.08
O1 FMT J . 16.55 -11.34 -5.14
O2 FMT J . 18.40 -10.47 -6.27
H FMT J . 17.17 -11.88 -6.81
HO2 FMT J . 18.51 -9.84 -5.55
C FMT K . -1.73 13.37 8.61
O1 FMT K . -2.55 13.65 9.47
O2 FMT K . -2.02 13.11 7.36
H FMT K . -0.82 13.32 8.85
HO2 FMT K . -2.97 13.32 7.20
C FMT L . 11.31 -16.87 -10.02
O1 FMT L . 12.31 -16.17 -9.96
O2 FMT L . 10.45 -16.91 -11.02
H FMT L . 11.11 -17.44 -9.29
HO2 FMT L . 10.65 -16.28 -11.69
C FMT M . 10.69 -13.53 -10.50
O1 FMT M . 10.73 -13.42 -11.71
O2 FMT M . 11.10 -12.62 -9.65
H FMT M . 10.33 -14.33 -10.13
HO2 FMT M . 11.55 -11.85 -10.04
C FMT N . 6.44 -10.46 -13.24
O1 FMT N . 5.50 -9.87 -13.80
O2 FMT N . 6.62 -11.80 -12.90
H FMT N . 7.17 -9.92 -12.98
HO2 FMT N . 5.92 -12.38 -13.18
C FMT O . 7.52 31.59 -3.92
O1 FMT O . 6.42 32.13 -3.85
O2 FMT O . 8.04 30.99 -4.99
H FMT O . 8.06 31.56 -3.12
HO2 FMT O . 7.44 30.95 -5.73
C FMT P . 8.29 30.12 -7.61
O1 FMT P . 8.37 29.09 -7.00
O2 FMT P . 8.97 31.19 -7.43
H FMT P . 7.71 30.13 -8.37
HO2 FMT P . 9.43 31.21 -6.71
C FMT Q . 29.98 7.33 -31.19
O1 FMT Q . 29.53 6.53 -32.00
O2 FMT Q . 30.87 7.09 -30.20
H FMT Q . 29.69 8.24 -31.26
HO2 FMT Q . 31.20 6.20 -30.22
C FMT R . -5.82 -3.91 16.61
O1 FMT R . -5.65 -3.88 15.36
O2 FMT R . -4.88 -4.05 17.64
H FMT R . -6.73 -3.81 16.92
HO2 FMT R . -3.90 -4.14 17.12
C FMT S . 14.56 -14.98 -9.15
O1 FMT S . 13.72 -14.15 -9.47
O2 FMT S . 15.77 -14.96 -9.55
H FMT S . 14.31 -15.68 -8.54
HO2 FMT S . 16.04 -14.14 -10.00
C FMT T . 17.18 -2.20 -0.84
O1 FMT T . 16.62 -2.06 -1.92
O2 FMT T . 17.99 -1.31 -0.25
H FMT T . 17.06 -3.02 -0.38
HO2 FMT T . 18.06 -0.48 -0.74
ZN ZN U . 1.04 -3.53 -3.96
#